data_5N6T
#
_entry.id   5N6T
#
_cell.length_a   94.839
_cell.length_b   94.840
_cell.length_c   112.930
_cell.angle_alpha   90.00
_cell.angle_beta   90.00
_cell.angle_gamma   90.00
#
_symmetry.space_group_name_H-M   'P 21 21 21'
#
loop_
_entity.id
_entity.type
_entity.pdbx_description
1 polymer 'Beta-glucosidase A'
2 non-polymer 'CHLORIDE ION'
3 non-polymer 1,2-ETHANEDIOL
4 non-polymer [(1~{R},2~{R},3~{R},4~{S},5~{R},6~{S})-3,4,5-tris(oxidanyl)-7-oxabicyclo[4.1.0]heptan-2-yl]methanediazonium
5 water water
#
_entity_poly.entity_id   1
_entity_poly.type   'polypeptide(L)'
_entity_poly.pdbx_seq_one_letter_code
;MGSSHHHHHHSSGLVPRGSHMASNVKKFPEGFLWGVATASYQIEGSPLADGAGMSIWHTFSHTPGNVKNGDTGDVACDHY
NRWKEDIEIIEKLGVKAYRFSISWPRILPEGTGRVNQKGLDFYNRIIDTLLEKGITPFVTIYHWDLPFALQLKGGWANRE
IADWFAEYSRVLFENFGDRVKNWITLNEPWVVAIVGHLYGVHAPGMRDIYVAFRAVHNLLRAHARAVKVFRETVKDGKIG
IVFNNGYFEPASEKEEDIRAVRFMHQFNNYPLFLNPIYRGDYPELVLEFAREYLPENYKDDMSEIQEKIDFVGLNYYSGH
LVKFDPDAPAKVSFVERDLPKTAMGWEIVPEGIYWILKKVKEEYNPPEVYITENGAAFDDVVSEDGRVHDQNRIDYLKAH
IGQAWKAIQEGVPLKGYFVWSLLDNFEWAEGYSKRFGIVYVDYSTQKRIVKDSGYWYSNVVKNNGLED
;
_entity_poly.pdbx_strand_id   A,B
#
# COMPACT_ATOMS: atom_id res chain seq x y z
N VAL A 25 -39.57 -30.40 -11.96
CA VAL A 25 -38.55 -30.42 -13.08
C VAL A 25 -38.17 -28.98 -13.59
N LYS A 26 -36.87 -28.74 -13.72
CA LYS A 26 -36.31 -27.53 -14.37
C LYS A 26 -35.14 -28.01 -15.21
N LYS A 27 -35.41 -28.36 -16.45
CA LYS A 27 -34.35 -28.77 -17.36
C LYS A 27 -33.76 -27.50 -17.98
N PHE A 28 -32.42 -27.54 -18.13
CA PHE A 28 -31.57 -26.50 -18.77
C PHE A 28 -31.36 -26.80 -20.26
N PRO A 29 -30.85 -25.83 -21.05
CA PRO A 29 -30.67 -26.11 -22.47
C PRO A 29 -29.74 -27.28 -22.77
N GLU A 30 -29.90 -27.89 -23.94
CA GLU A 30 -28.98 -28.97 -24.33
C GLU A 30 -27.61 -28.28 -24.48
N GLY A 31 -26.54 -28.99 -24.10
CA GLY A 31 -25.19 -28.43 -24.13
C GLY A 31 -24.84 -27.42 -23.02
N PHE A 32 -25.79 -27.08 -22.14
CA PHE A 32 -25.54 -26.17 -21.03
C PHE A 32 -24.35 -26.67 -20.20
N LEU A 33 -23.50 -25.74 -19.75
CA LEU A 33 -22.17 -26.12 -19.27
C LEU A 33 -22.17 -26.03 -17.77
N TRP A 34 -22.19 -27.20 -17.13
CA TRP A 34 -22.10 -27.31 -15.66
C TRP A 34 -20.64 -27.40 -15.23
N GLY A 35 -20.26 -26.43 -14.39
CA GLY A 35 -18.86 -26.24 -14.01
C GLY A 35 -18.54 -26.26 -12.53
N VAL A 36 -17.29 -26.51 -12.23
CA VAL A 36 -16.72 -26.11 -10.94
C VAL A 36 -15.52 -25.19 -11.20
N ALA A 37 -15.27 -24.31 -10.23
CA ALA A 37 -14.23 -23.29 -10.33
C ALA A 37 -13.14 -23.36 -9.22
N THR A 38 -11.87 -23.10 -9.58
CA THR A 38 -10.80 -22.85 -8.61
C THR A 38 -9.94 -21.62 -8.96
N ALA A 39 -8.96 -21.28 -8.11
CA ALA A 39 -7.87 -20.36 -8.51
C ALA A 39 -6.54 -20.83 -7.97
N SER A 40 -5.51 -20.54 -8.75
CA SER A 40 -4.18 -21.05 -8.56
C SER A 40 -3.58 -20.85 -7.14
N TYR A 41 -3.63 -19.64 -6.60
CA TYR A 41 -3.02 -19.36 -5.29
C TYR A 41 -3.82 -19.97 -4.17
N GLN A 42 -5.12 -20.08 -4.40
CA GLN A 42 -6.02 -20.69 -3.42
C GLN A 42 -5.84 -22.18 -3.25
N ILE A 43 -5.36 -22.91 -4.25
CA ILE A 43 -5.31 -24.34 -4.13
C ILE A 43 -4.01 -25.00 -4.35
N GLU A 44 -3.07 -24.36 -5.08
CA GLU A 44 -1.89 -25.07 -5.58
C GLU A 44 -0.81 -25.48 -4.54
N GLY A 45 -0.53 -24.54 -3.61
CA GLY A 45 0.68 -24.56 -2.82
C GLY A 45 1.92 -24.53 -3.64
N SER A 46 3.07 -24.75 -2.99
CA SER A 46 4.35 -24.78 -3.67
C SER A 46 4.53 -23.53 -4.56
N PRO A 47 4.34 -22.36 -3.97
CA PRO A 47 4.41 -21.13 -4.76
C PRO A 47 5.76 -20.84 -5.36
N LEU A 48 6.85 -21.44 -4.86
CA LEU A 48 8.18 -21.20 -5.43
C LEU A 48 8.81 -22.48 -6.04
N ALA A 49 8.02 -23.55 -6.26
CA ALA A 49 8.55 -24.78 -6.87
C ALA A 49 8.89 -24.48 -8.30
N ASP A 50 9.90 -25.20 -8.82
CA ASP A 50 10.19 -25.24 -10.25
C ASP A 50 10.44 -23.90 -10.95
N GLY A 51 11.18 -23.05 -10.28
CA GLY A 51 11.60 -21.75 -10.81
C GLY A 51 10.51 -20.65 -10.79
N ALA A 52 9.37 -20.87 -10.15
CA ALA A 52 8.37 -19.80 -10.09
C ALA A 52 8.94 -18.55 -9.38
N GLY A 53 8.59 -17.36 -9.88
CA GLY A 53 8.74 -16.12 -9.12
C GLY A 53 7.76 -15.98 -7.98
N MET A 54 8.11 -15.17 -6.97
CA MET A 54 7.14 -14.74 -5.97
C MET A 54 5.95 -13.96 -6.61
N SER A 55 4.77 -14.14 -6.04
CA SER A 55 3.63 -13.29 -6.29
C SER A 55 3.39 -12.31 -5.18
N ILE A 56 2.53 -11.33 -5.46
CA ILE A 56 2.14 -10.38 -4.42
C ILE A 56 1.39 -11.06 -3.30
N TRP A 57 0.72 -12.20 -3.56
CA TRP A 57 0.02 -12.87 -2.46
C TRP A 57 0.94 -13.68 -1.54
N HIS A 58 2.06 -14.15 -2.09
CA HIS A 58 3.13 -14.77 -1.31
C HIS A 58 3.69 -13.70 -0.35
N THR A 59 4.03 -12.53 -0.87
CA THR A 59 4.63 -11.49 0.00
C THR A 59 3.58 -10.90 0.96
N PHE A 60 2.36 -10.70 0.48
CA PHE A 60 1.29 -10.17 1.33
C PHE A 60 0.95 -11.12 2.48
N SER A 61 0.77 -12.40 2.18
CA SER A 61 0.36 -13.33 3.24
C SER A 61 1.53 -13.64 4.24
N HIS A 62 2.78 -13.55 3.77
CA HIS A 62 3.95 -13.67 4.64
C HIS A 62 4.24 -12.39 5.46
N THR A 63 3.49 -11.33 5.21
CA THR A 63 3.58 -10.17 6.03
C THR A 63 2.67 -10.31 7.25
N PRO A 64 3.26 -10.16 8.49
CA PRO A 64 2.46 -10.33 9.69
C PRO A 64 1.32 -9.35 9.75
N GLY A 65 0.15 -9.86 10.11
CA GLY A 65 -1.07 -9.08 10.25
C GLY A 65 -2.05 -9.04 9.09
N ASN A 66 -1.67 -9.50 7.91
CA ASN A 66 -2.50 -9.29 6.73
C ASN A 66 -3.59 -10.35 6.58
N VAL A 67 -3.37 -11.54 7.11
CA VAL A 67 -4.23 -12.70 6.88
C VAL A 67 -4.53 -13.41 8.22
N LYS A 68 -5.79 -13.82 8.39
CA LYS A 68 -6.25 -14.56 9.59
C LYS A 68 -5.36 -15.76 9.91
N ASN A 69 -4.89 -15.83 11.18
CA ASN A 69 -4.04 -16.90 11.74
C ASN A 69 -2.67 -16.97 11.16
N GLY A 70 -2.23 -15.91 10.48
CA GLY A 70 -0.99 -16.01 9.72
C GLY A 70 -1.08 -17.00 8.56
N ASP A 71 -2.28 -17.36 8.07
CA ASP A 71 -2.27 -18.36 6.94
C ASP A 71 -1.59 -17.80 5.68
N THR A 72 -0.95 -18.71 4.96
CA THR A 72 -0.46 -18.44 3.64
C THR A 72 -0.89 -19.47 2.62
N GLY A 73 -0.50 -19.20 1.38
CA GLY A 73 -0.64 -20.15 0.34
C GLY A 73 0.50 -21.13 0.11
N ASP A 74 1.37 -21.30 1.10
CA ASP A 74 2.52 -22.20 0.99
C ASP A 74 2.19 -23.62 0.68
N VAL A 75 1.14 -24.10 1.34
CA VAL A 75 0.69 -25.49 1.06
C VAL A 75 -0.67 -25.54 0.39
N ALA A 76 -1.66 -24.91 1.02
CA ALA A 76 -3.02 -24.90 0.55
C ALA A 76 -3.57 -26.37 0.41
N CYS A 77 -4.33 -26.64 -0.65
CA CYS A 77 -4.79 -28.00 -0.94
C CYS A 77 -3.70 -28.90 -1.51
N ASP A 78 -2.48 -28.41 -1.65
CA ASP A 78 -1.44 -29.13 -2.32
C ASP A 78 -1.77 -29.67 -3.73
N HIS A 79 -2.58 -28.89 -4.46
CA HIS A 79 -3.00 -29.27 -5.85
C HIS A 79 -1.82 -29.34 -6.82
N TYR A 80 -0.72 -28.66 -6.49
CA TYR A 80 0.39 -28.71 -7.40
C TYR A 80 1.00 -30.13 -7.55
N ASN A 81 0.82 -30.96 -6.53
CA ASN A 81 1.12 -32.40 -6.59
C ASN A 81 -0.13 -33.28 -6.84
N ARG A 82 -1.29 -32.90 -6.31
CA ARG A 82 -2.51 -33.76 -6.33
C ARG A 82 -3.48 -33.45 -7.48
N TRP A 83 -3.00 -32.66 -8.45
CA TRP A 83 -3.81 -32.23 -9.58
C TRP A 83 -4.51 -33.40 -10.33
N LYS A 84 -3.81 -34.52 -10.60
CA LYS A 84 -4.43 -35.68 -11.36
C LYS A 84 -5.63 -36.24 -10.61
N GLU A 85 -5.43 -36.49 -9.31
CA GLU A 85 -6.55 -36.84 -8.41
C GLU A 85 -7.69 -35.85 -8.38
N ASP A 86 -7.41 -34.53 -8.34
CA ASP A 86 -8.51 -33.58 -8.25
C ASP A 86 -9.38 -33.60 -9.51
N ILE A 87 -8.71 -33.76 -10.63
CA ILE A 87 -9.39 -33.83 -11.90
C ILE A 87 -10.15 -35.16 -12.01
N GLU A 88 -9.55 -36.23 -11.50
CA GLU A 88 -10.28 -37.48 -11.35
C GLU A 88 -11.54 -37.30 -10.52
N ILE A 89 -11.55 -36.47 -9.47
CA ILE A 89 -12.82 -36.13 -8.81
C ILE A 89 -13.83 -35.38 -9.71
N ILE A 90 -13.32 -34.53 -10.61
CA ILE A 90 -14.18 -33.75 -11.52
C ILE A 90 -14.81 -34.79 -12.45
N GLU A 91 -13.99 -35.62 -13.08
CA GLU A 91 -14.45 -36.70 -13.96
C GLU A 91 -15.42 -37.59 -13.26
N LYS A 92 -15.08 -38.08 -12.06
CA LYS A 92 -15.98 -38.97 -11.26
C LYS A 92 -17.34 -38.34 -10.98
N LEU A 93 -17.38 -37.02 -10.79
CA LEU A 93 -18.67 -36.32 -10.59
C LEU A 93 -19.36 -35.98 -11.92
N GLY A 94 -18.74 -36.30 -13.05
CA GLY A 94 -19.32 -36.00 -14.38
C GLY A 94 -19.54 -34.52 -14.66
N VAL A 95 -18.77 -33.66 -13.98
CA VAL A 95 -18.85 -32.22 -14.16
C VAL A 95 -18.22 -31.98 -15.49
N LYS A 96 -18.83 -31.10 -16.28
CA LYS A 96 -18.49 -30.91 -17.70
C LYS A 96 -17.46 -29.80 -18.02
N ALA A 97 -17.30 -28.84 -17.11
CA ALA A 97 -16.37 -27.75 -17.29
C ALA A 97 -15.57 -27.48 -16.01
N TYR A 98 -14.29 -27.15 -16.17
CA TYR A 98 -13.42 -26.77 -15.06
C TYR A 98 -12.84 -25.40 -15.32
N ARG A 99 -13.19 -24.46 -14.45
CA ARG A 99 -12.67 -23.12 -14.48
C ARG A 99 -11.47 -23.05 -13.49
N PHE A 100 -10.27 -22.84 -14.01
CA PHE A 100 -9.10 -22.76 -13.14
C PHE A 100 -8.25 -21.59 -13.59
N SER A 101 -7.34 -21.10 -12.74
CA SER A 101 -6.51 -19.92 -13.11
C SER A 101 -5.07 -20.32 -13.30
N ILE A 102 -4.34 -19.48 -14.01
CA ILE A 102 -2.91 -19.66 -14.23
C ILE A 102 -2.11 -18.65 -13.39
N SER A 103 -1.11 -19.16 -12.69
CA SER A 103 -0.22 -18.26 -11.95
C SER A 103 0.76 -17.58 -12.87
N TRP A 104 0.57 -16.27 -13.09
CA TRP A 104 1.50 -15.51 -13.95
C TRP A 104 3.02 -15.72 -13.60
N PRO A 105 3.38 -15.64 -12.31
CA PRO A 105 4.79 -15.82 -11.97
C PRO A 105 5.32 -17.27 -12.09
N ARG A 106 4.48 -18.29 -12.28
CA ARG A 106 5.01 -19.64 -12.68
C ARG A 106 5.42 -19.61 -14.15
N ILE A 107 4.76 -18.78 -14.96
CA ILE A 107 5.01 -18.76 -16.40
C ILE A 107 6.13 -17.76 -16.75
N LEU A 108 6.07 -16.54 -16.23
CA LEU A 108 7.14 -15.59 -16.41
C LEU A 108 7.52 -15.09 -15.02
N PRO A 109 8.58 -15.66 -14.42
CA PRO A 109 8.97 -15.37 -13.02
C PRO A 109 9.26 -13.89 -12.67
N GLU A 110 9.76 -13.11 -13.64
CA GLU A 110 9.91 -11.66 -13.53
C GLU A 110 8.71 -10.87 -14.07
N GLY A 111 7.66 -11.53 -14.53
CA GLY A 111 6.52 -10.81 -15.12
C GLY A 111 6.58 -10.65 -16.62
N THR A 112 7.71 -10.22 -17.14
CA THR A 112 7.98 -10.17 -18.58
C THR A 112 9.32 -10.78 -18.82
N GLY A 113 9.64 -11.07 -20.07
CA GLY A 113 10.96 -11.58 -20.42
C GLY A 113 10.89 -13.10 -20.42
N ARG A 114 11.56 -13.72 -19.46
CA ARG A 114 11.86 -15.17 -19.42
C ARG A 114 10.65 -16.01 -19.17
N VAL A 115 10.44 -17.01 -20.05
CA VAL A 115 9.36 -18.00 -19.90
C VAL A 115 9.90 -19.27 -19.19
N ASN A 116 9.26 -19.68 -18.11
CA ASN A 116 9.64 -20.85 -17.30
C ASN A 116 8.93 -22.09 -17.90
N GLN A 117 9.64 -22.92 -18.65
CA GLN A 117 9.04 -24.11 -19.28
C GLN A 117 8.34 -25.05 -18.28
N LYS A 118 8.91 -25.22 -17.11
CA LYS A 118 8.26 -26.05 -16.10
C LYS A 118 6.88 -25.51 -15.67
N GLY A 119 6.68 -24.19 -15.72
CA GLY A 119 5.38 -23.66 -15.35
C GLY A 119 4.37 -23.99 -16.43
N LEU A 120 4.82 -23.87 -17.67
CA LEU A 120 4.00 -24.24 -18.78
C LEU A 120 3.69 -25.75 -18.79
N ASP A 121 4.67 -26.58 -18.45
CA ASP A 121 4.42 -28.03 -18.40
C ASP A 121 3.37 -28.37 -17.35
N PHE A 122 3.41 -27.74 -16.16
CA PHE A 122 2.39 -28.00 -15.10
C PHE A 122 0.93 -27.83 -15.60
N TYR A 123 0.69 -26.71 -16.30
CA TYR A 123 -0.62 -26.39 -16.87
C TYR A 123 -0.90 -27.26 -18.13
N ASN A 124 0.11 -27.53 -18.95
CA ASN A 124 -0.09 -28.48 -20.08
C ASN A 124 -0.67 -29.83 -19.65
N ARG A 125 -0.10 -30.39 -18.60
CA ARG A 125 -0.62 -31.61 -18.01
C ARG A 125 -2.08 -31.52 -17.54
N ILE A 126 -2.47 -30.42 -16.92
CA ILE A 126 -3.83 -30.25 -16.48
C ILE A 126 -4.72 -30.14 -17.73
N ILE A 127 -4.28 -29.39 -18.73
CA ILE A 127 -5.08 -29.15 -19.95
C ILE A 127 -5.30 -30.51 -20.68
N ASP A 128 -4.23 -31.24 -20.92
CA ASP A 128 -4.31 -32.54 -21.64
C ASP A 128 -5.20 -33.59 -20.95
N THR A 129 -5.11 -33.65 -19.63
CA THR A 129 -5.88 -34.57 -18.85
C THR A 129 -7.34 -34.23 -18.94
N LEU A 130 -7.66 -32.94 -18.81
CA LEU A 130 -9.04 -32.47 -18.93
C LEU A 130 -9.62 -32.85 -20.29
N LEU A 131 -8.85 -32.61 -21.34
CA LEU A 131 -9.29 -32.94 -22.69
C LEU A 131 -9.43 -34.46 -22.93
N GLU A 132 -8.44 -35.27 -22.58
CA GLU A 132 -8.64 -36.74 -22.40
C GLU A 132 -9.96 -37.16 -21.78
N LYS A 133 -10.35 -36.52 -20.70
CA LYS A 133 -11.58 -36.87 -20.04
C LYS A 133 -12.78 -36.13 -20.56
N GLY A 134 -12.62 -35.39 -21.65
CA GLY A 134 -13.74 -34.64 -22.22
C GLY A 134 -14.30 -33.58 -21.30
N ILE A 135 -13.45 -33.00 -20.44
CA ILE A 135 -13.86 -31.89 -19.56
C ILE A 135 -13.46 -30.56 -20.22
N THR A 136 -14.34 -29.55 -20.19
CA THR A 136 -14.03 -28.28 -20.93
C THR A 136 -13.24 -27.30 -20.05
N PRO A 137 -11.98 -27.00 -20.41
CA PRO A 137 -11.27 -25.96 -19.62
C PRO A 137 -11.70 -24.50 -19.90
N PHE A 138 -12.03 -23.75 -18.84
CA PHE A 138 -12.15 -22.28 -18.88
C PHE A 138 -10.94 -21.73 -18.11
N VAL A 139 -10.01 -21.07 -18.81
CA VAL A 139 -8.80 -20.52 -18.16
C VAL A 139 -8.98 -19.05 -17.74
N THR A 140 -8.86 -18.80 -16.45
CA THR A 140 -8.65 -17.43 -15.94
C THR A 140 -7.15 -17.01 -16.04
N ILE A 141 -6.83 -16.05 -16.89
CA ILE A 141 -5.46 -15.55 -17.04
C ILE A 141 -4.95 -14.90 -15.71
N TYR A 142 -5.79 -14.11 -15.11
CA TYR A 142 -5.45 -13.32 -13.90
C TYR A 142 -6.48 -13.45 -12.84
N HIS A 143 -6.10 -14.16 -11.80
CA HIS A 143 -6.90 -14.32 -10.60
C HIS A 143 -6.08 -13.88 -9.39
N TRP A 144 -5.45 -12.72 -9.53
CA TRP A 144 -4.98 -11.94 -8.39
C TRP A 144 -3.50 -12.13 -7.96
N ASP A 145 -2.84 -13.18 -8.46
CA ASP A 145 -1.44 -13.51 -8.10
C ASP A 145 -0.41 -12.83 -9.04
N LEU A 146 -0.47 -11.50 -9.07
CA LEU A 146 0.52 -10.74 -9.81
C LEU A 146 1.95 -11.10 -9.43
N PRO A 147 2.90 -11.14 -10.41
CA PRO A 147 4.29 -11.28 -10.07
C PRO A 147 4.74 -10.11 -9.21
N PHE A 148 5.38 -10.46 -8.10
CA PHE A 148 5.98 -9.49 -7.22
C PHE A 148 6.93 -8.53 -7.99
N ALA A 149 7.65 -9.04 -8.96
CA ALA A 149 8.55 -8.24 -9.74
C ALA A 149 7.86 -7.06 -10.40
N LEU A 150 6.63 -7.24 -10.87
CA LEU A 150 5.92 -6.15 -11.46
C LEU A 150 5.34 -5.22 -10.42
N GLN A 151 4.95 -5.75 -9.25
CA GLN A 151 4.52 -4.88 -8.16
C GLN A 151 5.59 -3.89 -7.77
N LEU A 152 6.85 -4.28 -7.84
CA LEU A 152 7.98 -3.37 -7.59
C LEU A 152 8.08 -2.21 -8.59
N LYS A 153 7.52 -2.38 -9.79
CA LYS A 153 7.39 -1.33 -10.80
C LYS A 153 6.02 -0.69 -10.90
N GLY A 154 5.25 -0.83 -9.83
CA GLY A 154 3.96 -0.18 -9.73
C GLY A 154 2.74 -1.08 -9.85
N GLY A 155 2.89 -2.30 -10.39
CA GLY A 155 1.74 -3.18 -10.55
C GLY A 155 0.66 -2.55 -11.45
N TRP A 156 -0.57 -2.66 -10.99
CA TRP A 156 -1.78 -2.16 -11.72
C TRP A 156 -1.80 -0.63 -11.74
N ALA A 157 -0.97 0.01 -10.93
CA ALA A 157 -0.85 1.47 -10.94
C ALA A 157 -0.10 2.04 -12.19
N ASN A 158 0.72 1.20 -12.84
CA ASN A 158 1.67 1.61 -13.85
C ASN A 158 1.00 1.33 -15.21
N ARG A 159 0.90 2.36 -16.03
CA ARG A 159 0.21 2.19 -17.34
C ARG A 159 0.85 1.11 -18.18
N GLU A 160 2.14 0.86 -17.96
CA GLU A 160 2.86 -0.16 -18.68
C GLU A 160 2.34 -1.60 -18.47
N ILE A 161 1.51 -1.83 -17.43
CA ILE A 161 0.96 -3.15 -17.23
C ILE A 161 0.09 -3.65 -18.38
N ALA A 162 -0.54 -2.76 -19.14
CA ALA A 162 -1.27 -3.14 -20.36
C ALA A 162 -0.35 -3.89 -21.37
N ASP A 163 0.88 -3.45 -21.51
CA ASP A 163 1.87 -4.21 -22.28
C ASP A 163 2.32 -5.48 -21.60
N TRP A 164 2.62 -5.43 -20.30
CA TRP A 164 3.07 -6.64 -19.57
C TRP A 164 2.03 -7.76 -19.65
N PHE A 165 0.77 -7.38 -19.48
CA PHE A 165 -0.32 -8.30 -19.39
C PHE A 165 -0.61 -8.87 -20.78
N ALA A 166 -0.50 -8.02 -21.81
CA ALA A 166 -0.65 -8.49 -23.19
C ALA A 166 0.40 -9.51 -23.58
N GLU A 167 1.65 -9.26 -23.20
CA GLU A 167 2.77 -10.18 -23.46
C GLU A 167 2.59 -11.56 -22.74
N TYR A 168 2.07 -11.53 -21.53
CA TYR A 168 1.77 -12.71 -20.76
C TYR A 168 0.62 -13.45 -21.43
N SER A 169 -0.47 -12.74 -21.73
CA SER A 169 -1.63 -13.35 -22.40
C SER A 169 -1.19 -14.04 -23.70
N ARG A 170 -0.41 -13.34 -24.48
CA ARG A 170 0.16 -13.87 -25.70
C ARG A 170 0.95 -15.18 -25.51
N VAL A 171 1.77 -15.27 -24.45
CA VAL A 171 2.47 -16.49 -24.14
C VAL A 171 1.48 -17.63 -23.93
N LEU A 172 0.42 -17.37 -23.17
CA LEU A 172 -0.60 -18.37 -22.89
C LEU A 172 -1.31 -18.84 -24.16
N PHE A 173 -1.73 -17.89 -24.98
CA PHE A 173 -2.46 -18.13 -26.21
C PHE A 173 -1.59 -19.00 -27.17
N GLU A 174 -0.35 -18.61 -27.34
CA GLU A 174 0.61 -19.36 -28.15
C GLU A 174 0.72 -20.81 -27.68
N ASN A 175 0.85 -21.02 -26.39
CA ASN A 175 1.18 -22.33 -25.85
C ASN A 175 -0.01 -23.22 -25.61
N PHE A 176 -1.17 -22.64 -25.32
CA PHE A 176 -2.33 -23.40 -24.96
C PHE A 176 -3.55 -23.21 -25.82
N GLY A 177 -3.55 -22.25 -26.74
CA GLY A 177 -4.78 -21.90 -27.48
C GLY A 177 -5.18 -22.89 -28.58
N ASP A 178 -4.26 -23.78 -28.91
CA ASP A 178 -4.58 -24.94 -29.74
C ASP A 178 -5.56 -25.88 -29.02
N ARG A 179 -5.55 -25.89 -27.69
CA ARG A 179 -6.42 -26.78 -26.89
C ARG A 179 -7.42 -26.10 -26.01
N VAL A 180 -7.05 -24.96 -25.43
CA VAL A 180 -8.01 -24.19 -24.66
C VAL A 180 -8.68 -23.17 -25.57
N LYS A 181 -10.00 -23.11 -25.55
CA LYS A 181 -10.72 -22.21 -26.45
C LYS A 181 -11.67 -21.31 -25.68
N ASN A 182 -11.70 -21.42 -24.35
CA ASN A 182 -12.58 -20.58 -23.51
C ASN A 182 -11.67 -19.86 -22.51
N TRP A 183 -11.60 -18.52 -22.57
CA TRP A 183 -10.54 -17.76 -21.88
C TRP A 183 -11.20 -16.58 -21.18
N ILE A 184 -10.72 -16.30 -19.96
CA ILE A 184 -11.14 -15.13 -19.12
C ILE A 184 -9.94 -14.23 -18.81
N THR A 185 -10.01 -12.94 -19.15
CA THR A 185 -8.86 -12.05 -18.96
C THR A 185 -8.58 -11.80 -17.47
N LEU A 186 -9.56 -11.25 -16.78
CA LEU A 186 -9.44 -10.83 -15.38
C LEU A 186 -10.53 -11.38 -14.56
N ASN A 187 -10.23 -11.83 -13.34
CA ASN A 187 -11.22 -12.17 -12.33
C ASN A 187 -11.43 -10.97 -11.41
N GLU A 188 -12.67 -10.45 -11.38
CA GLU A 188 -13.15 -9.44 -10.43
C GLU A 188 -12.24 -8.23 -10.30
N PRO A 189 -12.10 -7.45 -11.40
CA PRO A 189 -11.17 -6.33 -11.36
C PRO A 189 -11.54 -5.22 -10.35
N TRP A 190 -12.81 -5.12 -9.94
CA TRP A 190 -13.19 -4.20 -8.87
C TRP A 190 -12.47 -4.57 -7.58
N VAL A 191 -12.50 -5.84 -7.22
CA VAL A 191 -11.88 -6.32 -5.97
C VAL A 191 -10.36 -6.02 -6.08
N VAL A 192 -9.78 -6.35 -7.22
CA VAL A 192 -8.33 -6.19 -7.49
C VAL A 192 -7.91 -4.71 -7.26
N ALA A 193 -8.66 -3.83 -7.87
CA ALA A 193 -8.48 -2.39 -7.73
C ALA A 193 -8.81 -1.85 -6.35
N ILE A 194 -10.07 -2.03 -5.94
CA ILE A 194 -10.55 -1.39 -4.76
C ILE A 194 -10.18 -2.10 -3.46
N VAL A 195 -10.33 -3.42 -3.39
CA VAL A 195 -9.95 -4.12 -2.15
C VAL A 195 -8.41 -4.19 -2.01
N GLY A 196 -7.72 -4.25 -3.14
CA GLY A 196 -6.23 -4.29 -3.14
C GLY A 196 -5.55 -2.96 -2.94
N HIS A 197 -6.14 -1.86 -3.44
CA HIS A 197 -5.46 -0.58 -3.45
C HIS A 197 -6.16 0.58 -2.72
N LEU A 198 -7.44 0.42 -2.35
CA LEU A 198 -8.18 1.39 -1.53
C LEU A 198 -8.43 0.87 -0.11
N TYR A 199 -8.96 -0.35 0.04
CA TYR A 199 -9.20 -0.86 1.38
C TYR A 199 -7.93 -1.47 1.97
N GLY A 200 -6.96 -1.82 1.13
CA GLY A 200 -5.76 -2.49 1.60
C GLY A 200 -5.92 -3.85 2.27
N VAL A 201 -7.05 -4.50 2.02
CA VAL A 201 -7.37 -5.79 2.66
C VAL A 201 -6.81 -6.96 1.85
N HIS A 202 -6.53 -6.73 0.57
CA HIS A 202 -5.95 -7.74 -0.28
C HIS A 202 -4.62 -7.20 -0.78
N ALA A 203 -3.74 -8.08 -1.25
CA ALA A 203 -2.54 -7.65 -1.96
C ALA A 203 -2.84 -6.65 -3.11
N PRO A 204 -2.02 -5.62 -3.30
CA PRO A 204 -0.75 -5.44 -2.62
C PRO A 204 -0.84 -4.68 -1.27
N GLY A 205 -2.05 -4.51 -0.75
CA GLY A 205 -2.29 -3.88 0.56
C GLY A 205 -2.18 -2.38 0.69
N MET A 206 -2.64 -1.65 -0.32
CA MET A 206 -2.46 -0.21 -0.35
C MET A 206 -3.78 0.50 0.00
N ARG A 207 -3.68 1.76 0.40
CA ARG A 207 -4.83 2.60 0.73
C ARG A 207 -4.66 3.97 0.13
N ASP A 208 -4.91 4.07 -1.17
CA ASP A 208 -4.79 5.31 -1.87
C ASP A 208 -5.86 5.27 -2.98
N ILE A 209 -6.82 6.21 -2.91
CA ILE A 209 -7.95 6.25 -3.83
C ILE A 209 -7.58 6.59 -5.28
N TYR A 210 -6.54 7.39 -5.46
CA TYR A 210 -6.03 7.76 -6.74
C TYR A 210 -5.32 6.59 -7.44
N VAL A 211 -4.53 5.85 -6.66
CA VAL A 211 -3.93 4.60 -7.17
C VAL A 211 -5.09 3.62 -7.59
N ALA A 212 -6.04 3.42 -6.68
CA ALA A 212 -7.13 2.46 -6.87
C ALA A 212 -7.92 2.71 -8.15
N PHE A 213 -8.15 3.99 -8.49
CA PHE A 213 -8.83 4.31 -9.75
C PHE A 213 -7.91 4.27 -10.97
N ARG A 214 -6.63 4.54 -10.79
CA ARG A 214 -5.69 4.27 -11.86
C ARG A 214 -5.61 2.78 -12.17
N ALA A 215 -5.78 1.94 -11.15
CA ALA A 215 -5.80 0.52 -11.32
C ALA A 215 -7.04 0.01 -12.05
N VAL A 216 -8.22 0.51 -11.70
CA VAL A 216 -9.46 0.24 -12.47
C VAL A 216 -9.17 0.45 -13.97
N HIS A 217 -8.65 1.60 -14.28
CA HIS A 217 -8.47 2.01 -15.68
C HIS A 217 -7.40 1.18 -16.43
N ASN A 218 -6.30 0.89 -15.75
CA ASN A 218 -5.25 0.02 -16.27
C ASN A 218 -5.70 -1.40 -16.46
N LEU A 219 -6.57 -1.90 -15.59
CA LEU A 219 -7.19 -3.22 -15.73
C LEU A 219 -8.01 -3.31 -17.02
N LEU A 220 -8.75 -2.24 -17.33
CA LEU A 220 -9.48 -2.16 -18.58
C LEU A 220 -8.55 -2.17 -19.78
N ARG A 221 -7.51 -1.34 -19.72
CA ARG A 221 -6.55 -1.24 -20.82
C ARG A 221 -5.85 -2.54 -21.02
N ALA A 222 -5.52 -3.22 -19.92
CA ALA A 222 -4.82 -4.49 -20.00
C ALA A 222 -5.77 -5.52 -20.61
N HIS A 223 -6.99 -5.55 -20.11
CA HIS A 223 -7.99 -6.48 -20.61
C HIS A 223 -8.14 -6.34 -22.14
N ALA A 224 -8.30 -5.12 -22.58
CA ALA A 224 -8.56 -4.84 -24.02
C ALA A 224 -7.39 -5.26 -24.89
N ARG A 225 -6.18 -4.95 -24.44
N ARG A 225 -6.17 -4.94 -24.44
CA ARG A 225 -4.98 -5.38 -25.14
CA ARG A 225 -4.97 -5.33 -25.16
C ARG A 225 -4.82 -6.92 -25.29
C ARG A 225 -4.77 -6.89 -25.28
N ALA A 226 -5.13 -7.64 -24.22
CA ALA A 226 -5.13 -9.09 -24.26
C ALA A 226 -6.15 -9.61 -25.32
N VAL A 227 -7.33 -9.03 -25.33
CA VAL A 227 -8.36 -9.36 -26.31
C VAL A 227 -7.87 -9.12 -27.76
N LYS A 228 -7.24 -7.98 -27.98
CA LYS A 228 -6.64 -7.66 -29.27
C LYS A 228 -5.63 -8.69 -29.69
N VAL A 229 -4.72 -9.04 -28.79
CA VAL A 229 -3.72 -10.08 -29.10
C VAL A 229 -4.41 -11.46 -29.35
N PHE A 230 -5.44 -11.78 -28.57
CA PHE A 230 -6.15 -13.06 -28.71
C PHE A 230 -6.72 -13.22 -30.18
N ARG A 231 -7.37 -12.19 -30.72
CA ARG A 231 -7.83 -12.21 -32.10
C ARG A 231 -6.73 -12.49 -33.09
N GLU A 232 -5.50 -12.10 -32.78
CA GLU A 232 -4.34 -12.39 -33.65
C GLU A 232 -3.76 -13.78 -33.49
N THR A 233 -4.05 -14.49 -32.42
CA THR A 233 -3.27 -15.67 -32.10
C THR A 233 -4.12 -16.92 -32.02
N VAL A 234 -5.34 -16.83 -31.48
CA VAL A 234 -6.27 -17.96 -31.32
C VAL A 234 -7.49 -17.62 -32.16
N LYS A 235 -7.37 -17.80 -33.48
CA LYS A 235 -8.42 -17.37 -34.40
C LYS A 235 -9.76 -18.18 -34.29
N ASP A 236 -9.82 -19.26 -33.48
CA ASP A 236 -11.09 -19.99 -33.18
C ASP A 236 -11.56 -20.09 -31.72
N GLY A 237 -11.10 -19.25 -30.82
CA GLY A 237 -11.53 -19.34 -29.42
C GLY A 237 -12.54 -18.30 -29.02
N LYS A 238 -12.99 -18.32 -27.75
CA LYS A 238 -13.81 -17.26 -27.16
C LYS A 238 -13.16 -16.63 -25.92
N ILE A 239 -13.28 -15.31 -25.79
CA ILE A 239 -12.70 -14.63 -24.62
C ILE A 239 -13.68 -13.66 -23.96
N GLY A 240 -13.63 -13.65 -22.62
CA GLY A 240 -14.49 -12.87 -21.76
C GLY A 240 -13.77 -12.30 -20.54
N ILE A 241 -14.54 -11.89 -19.57
CA ILE A 241 -14.08 -11.21 -18.37
C ILE A 241 -15.16 -11.43 -17.28
N VAL A 242 -14.72 -11.47 -16.01
CA VAL A 242 -15.53 -11.88 -14.87
C VAL A 242 -15.68 -10.74 -13.87
N PHE A 243 -16.93 -10.49 -13.45
CA PHE A 243 -17.24 -9.42 -12.49
C PHE A 243 -17.90 -9.95 -11.24
N ASN A 244 -17.46 -9.47 -10.08
CA ASN A 244 -18.22 -9.60 -8.86
C ASN A 244 -19.51 -8.74 -8.93
N ASN A 245 -20.58 -9.26 -8.34
CA ASN A 245 -21.83 -8.47 -8.20
C ASN A 245 -22.54 -8.75 -6.91
N GLY A 246 -23.14 -7.72 -6.34
CA GLY A 246 -24.11 -7.90 -5.25
C GLY A 246 -25.52 -7.49 -5.72
N TYR A 247 -26.54 -8.05 -5.09
CA TYR A 247 -27.92 -7.63 -5.29
C TYR A 247 -28.22 -6.60 -4.22
N PHE A 248 -28.18 -5.33 -4.60
CA PHE A 248 -28.37 -4.29 -3.62
C PHE A 248 -29.87 -3.95 -3.59
N GLU A 249 -30.44 -3.77 -2.38
CA GLU A 249 -31.84 -3.32 -2.22
C GLU A 249 -31.82 -2.05 -1.38
N PRO A 250 -32.72 -1.10 -1.68
CA PRO A 250 -32.75 0.16 -0.89
C PRO A 250 -33.45 -0.04 0.45
N ALA A 251 -33.06 0.76 1.43
CA ALA A 251 -33.52 0.57 2.81
C ALA A 251 -35.00 0.99 2.97
N SER A 252 -35.46 1.81 2.03
CA SER A 252 -36.73 2.48 2.10
C SER A 252 -37.19 2.84 0.66
N GLU A 253 -38.35 3.51 0.52
CA GLU A 253 -38.73 4.22 -0.73
C GLU A 253 -38.07 5.63 -0.75
N LYS A 254 -37.07 5.91 0.10
CA LYS A 254 -36.75 7.30 0.50
C LYS A 254 -36.15 8.21 -0.54
N GLU A 255 -35.82 9.42 -0.07
CA GLU A 255 -34.92 10.29 -0.75
C GLU A 255 -33.57 9.64 -0.65
N GLU A 256 -33.04 9.22 -1.79
CA GLU A 256 -31.62 8.88 -1.94
C GLU A 256 -31.29 7.39 -1.67
N ASP A 257 -32.09 6.66 -0.91
CA ASP A 257 -31.84 5.21 -0.80
C ASP A 257 -31.82 4.48 -2.16
N ILE A 258 -32.78 4.78 -3.05
CA ILE A 258 -32.80 4.20 -4.41
C ILE A 258 -31.57 4.61 -5.23
N ARG A 259 -31.03 5.80 -4.93
CA ARG A 259 -29.81 6.31 -5.54
C ARG A 259 -28.53 5.61 -5.01
N ALA A 260 -28.46 5.35 -3.71
CA ALA A 260 -27.38 4.60 -3.11
C ALA A 260 -27.27 3.30 -3.86
N VAL A 261 -28.43 2.65 -4.02
CA VAL A 261 -28.54 1.43 -4.79
C VAL A 261 -28.01 1.60 -6.21
N ARG A 262 -28.45 2.66 -6.89
N ARG A 262 -28.43 2.65 -6.92
CA ARG A 262 -27.97 2.99 -8.21
CA ARG A 262 -27.95 2.93 -8.28
C ARG A 262 -26.42 3.07 -8.23
C ARG A 262 -26.40 3.14 -8.30
N PHE A 263 -25.87 3.85 -7.29
CA PHE A 263 -24.44 4.00 -7.15
C PHE A 263 -23.72 2.69 -6.90
N MET A 264 -24.20 1.91 -5.95
CA MET A 264 -23.58 0.65 -5.63
C MET A 264 -23.60 -0.35 -6.78
N HIS A 265 -24.68 -0.38 -7.56
CA HIS A 265 -24.74 -1.22 -8.75
C HIS A 265 -23.68 -0.75 -9.76
N GLN A 266 -23.52 0.55 -9.92
CA GLN A 266 -22.69 1.08 -11.00
C GLN A 266 -21.21 0.98 -10.70
N PHE A 267 -20.87 1.02 -9.42
CA PHE A 267 -19.50 0.99 -8.87
C PHE A 267 -19.02 -0.42 -8.54
N ASN A 268 -19.82 -1.13 -7.76
CA ASN A 268 -19.53 -2.47 -7.30
C ASN A 268 -19.84 -3.56 -8.36
N ASN A 269 -20.80 -3.33 -9.28
CA ASN A 269 -21.22 -4.46 -10.19
C ASN A 269 -20.66 -4.25 -11.61
N TYR A 270 -20.95 -5.18 -12.51
CA TYR A 270 -20.47 -5.16 -13.90
C TYR A 270 -20.39 -3.77 -14.64
N PRO A 271 -21.27 -2.76 -14.35
CA PRO A 271 -21.23 -1.51 -15.18
C PRO A 271 -19.97 -0.68 -15.11
N LEU A 272 -19.25 -0.68 -13.99
CA LEU A 272 -17.98 0.03 -13.88
C LEU A 272 -17.05 -0.35 -15.02
N PHE A 273 -17.08 -1.63 -15.42
CA PHE A 273 -16.28 -2.13 -16.54
C PHE A 273 -17.02 -2.24 -17.89
N LEU A 274 -18.26 -2.67 -17.86
CA LEU A 274 -19.06 -2.84 -19.12
C LEU A 274 -19.56 -1.52 -19.73
N ASN A 275 -19.73 -0.48 -18.92
CA ASN A 275 -20.01 0.84 -19.50
C ASN A 275 -18.83 1.27 -20.36
N PRO A 276 -17.60 1.07 -19.86
CA PRO A 276 -16.51 1.37 -20.79
C PRO A 276 -16.42 0.41 -21.97
N ILE A 277 -16.55 -0.88 -21.73
CA ILE A 277 -16.41 -1.86 -22.77
C ILE A 277 -17.46 -1.63 -23.88
N TYR A 278 -18.71 -1.42 -23.48
CA TYR A 278 -19.82 -1.34 -24.42
C TYR A 278 -20.09 0.09 -24.90
N ARG A 279 -20.06 1.06 -23.99
CA ARG A 279 -20.46 2.42 -24.29
C ARG A 279 -19.34 3.43 -24.33
N GLY A 280 -18.12 3.04 -23.97
CA GLY A 280 -16.99 3.97 -24.00
C GLY A 280 -16.86 5.01 -22.90
N ASP A 281 -17.48 4.80 -21.75
CA ASP A 281 -17.20 5.70 -20.62
C ASP A 281 -17.59 4.98 -19.39
N TYR A 282 -17.16 5.51 -18.27
CA TYR A 282 -17.51 5.04 -16.97
C TYR A 282 -18.99 5.39 -16.71
N PRO A 283 -19.66 4.65 -15.85
CA PRO A 283 -21.05 4.95 -15.52
C PRO A 283 -21.21 6.30 -14.80
N GLU A 284 -22.33 6.96 -15.04
CA GLU A 284 -22.67 8.29 -14.48
C GLU A 284 -22.34 8.51 -13.01
N LEU A 285 -22.90 7.69 -12.14
CA LEU A 285 -22.65 7.92 -10.75
C LEU A 285 -21.19 7.58 -10.36
N VAL A 286 -20.49 6.74 -11.14
CA VAL A 286 -19.05 6.58 -10.89
C VAL A 286 -18.29 7.85 -11.18
N LEU A 287 -18.52 8.51 -12.31
CA LEU A 287 -17.78 9.76 -12.54
C LEU A 287 -18.16 10.86 -11.51
N GLU A 288 -19.41 10.89 -11.05
CA GLU A 288 -19.78 11.83 -9.97
C GLU A 288 -18.86 11.62 -8.77
N PHE A 289 -18.75 10.39 -8.28
CA PHE A 289 -17.83 10.12 -7.12
C PHE A 289 -16.29 10.26 -7.46
N ALA A 290 -15.83 9.85 -8.63
CA ALA A 290 -14.45 9.52 -8.81
C ALA A 290 -13.76 10.18 -9.96
N ARG A 291 -14.39 11.16 -10.62
CA ARG A 291 -13.73 11.76 -11.77
C ARG A 291 -12.35 12.29 -11.36
N GLU A 292 -12.25 12.87 -10.15
CA GLU A 292 -11.05 13.49 -9.59
C GLU A 292 -9.88 12.48 -9.43
N TYR A 293 -10.20 11.19 -9.26
CA TYR A 293 -9.21 10.12 -9.02
C TYR A 293 -8.74 9.39 -10.29
N LEU A 294 -9.45 9.59 -11.40
CA LEU A 294 -9.18 8.88 -12.63
C LEU A 294 -8.13 9.68 -13.34
N PRO A 295 -7.35 9.06 -14.22
CA PRO A 295 -6.43 9.96 -14.92
C PRO A 295 -7.14 11.09 -15.73
N GLU A 296 -6.40 12.18 -15.92
CA GLU A 296 -6.85 13.38 -16.60
C GLU A 296 -7.43 13.11 -18.00
N ASN A 297 -6.72 12.38 -18.83
CA ASN A 297 -7.14 12.15 -20.18
C ASN A 297 -7.58 10.68 -20.38
N TYR A 298 -8.33 10.14 -19.43
CA TYR A 298 -8.64 8.72 -19.46
C TYR A 298 -9.43 8.34 -20.74
N LYS A 299 -10.28 9.26 -21.22
CA LYS A 299 -11.04 9.06 -22.42
C LYS A 299 -10.21 8.82 -23.63
N ASP A 300 -8.98 9.27 -23.65
CA ASP A 300 -8.12 8.90 -24.79
C ASP A 300 -7.99 7.37 -24.95
N ASP A 301 -8.18 6.58 -23.88
CA ASP A 301 -8.02 5.12 -23.96
C ASP A 301 -9.33 4.36 -24.29
N MET A 302 -10.47 5.06 -24.32
CA MET A 302 -11.76 4.38 -24.32
C MET A 302 -12.08 3.69 -25.65
N SER A 303 -11.60 4.18 -26.78
CA SER A 303 -11.93 3.42 -28.00
C SER A 303 -11.18 2.07 -28.06
N GLU A 304 -9.95 2.00 -27.56
CA GLU A 304 -9.27 0.70 -27.50
C GLU A 304 -9.92 -0.22 -26.49
N ILE A 305 -10.50 0.35 -25.44
CA ILE A 305 -11.17 -0.40 -24.38
C ILE A 305 -12.41 -1.12 -24.91
N GLN A 306 -13.03 -0.58 -25.96
CA GLN A 306 -14.22 -1.20 -26.55
C GLN A 306 -13.94 -2.44 -27.42
N GLU A 307 -12.72 -2.93 -27.45
CA GLU A 307 -12.43 -4.25 -28.05
C GLU A 307 -13.57 -5.29 -27.76
N LYS A 308 -14.18 -5.87 -28.81
CA LYS A 308 -15.39 -6.79 -28.59
C LYS A 308 -15.06 -8.06 -27.79
N ILE A 309 -15.94 -8.40 -26.87
CA ILE A 309 -15.77 -9.59 -26.04
C ILE A 309 -16.80 -10.59 -26.42
N ASP A 310 -16.53 -11.87 -26.19
CA ASP A 310 -17.48 -12.93 -26.63
C ASP A 310 -18.45 -13.29 -25.56
N PHE A 311 -18.09 -13.06 -24.29
CA PHE A 311 -19.03 -13.28 -23.22
C PHE A 311 -18.69 -12.51 -21.97
N VAL A 312 -19.63 -12.51 -21.05
CA VAL A 312 -19.47 -11.89 -19.77
C VAL A 312 -19.62 -12.99 -18.72
N GLY A 313 -18.70 -13.03 -17.75
CA GLY A 313 -18.82 -13.94 -16.59
C GLY A 313 -19.36 -13.14 -15.46
N LEU A 314 -20.42 -13.55 -14.78
CA LEU A 314 -20.86 -12.85 -13.55
C LEU A 314 -20.72 -13.78 -12.34
N ASN A 315 -20.11 -13.27 -11.27
CA ASN A 315 -19.99 -13.98 -10.00
C ASN A 315 -21.05 -13.39 -9.09
N TYR A 316 -21.65 -14.22 -8.27
CA TYR A 316 -22.75 -13.75 -7.35
C TYR A 316 -22.83 -14.60 -6.07
N TYR A 317 -22.94 -13.91 -4.92
CA TYR A 317 -22.95 -14.63 -3.61
C TYR A 317 -24.07 -14.23 -2.64
N SER A 318 -24.35 -12.93 -2.62
CA SER A 318 -25.11 -12.31 -1.57
C SER A 318 -25.78 -11.05 -2.06
N GLY A 319 -26.64 -10.53 -1.19
CA GLY A 319 -27.32 -9.26 -1.44
C GLY A 319 -27.23 -8.41 -0.21
N HIS A 320 -27.57 -7.13 -0.37
CA HIS A 320 -27.26 -6.18 0.67
C HIS A 320 -28.33 -5.15 0.71
N LEU A 321 -28.73 -4.77 1.93
CA LEU A 321 -29.55 -3.58 2.15
C LEU A 321 -28.63 -2.38 2.34
N VAL A 322 -28.87 -1.32 1.56
CA VAL A 322 -27.99 -0.14 1.49
C VAL A 322 -28.82 1.14 1.64
N LYS A 323 -28.19 2.17 2.23
CA LYS A 323 -28.87 3.42 2.51
C LYS A 323 -27.95 4.55 2.16
N PHE A 324 -28.53 5.69 1.80
CA PHE A 324 -27.78 6.95 1.82
C PHE A 324 -27.31 7.09 3.26
N ASP A 325 -26.10 7.61 3.42
CA ASP A 325 -25.50 7.79 4.76
C ASP A 325 -24.47 8.91 4.64
N PRO A 326 -24.79 10.10 5.23
CA PRO A 326 -23.95 11.27 5.01
C PRO A 326 -22.55 11.16 5.63
N ASP A 327 -22.34 10.24 6.57
CA ASP A 327 -21.04 10.08 7.17
C ASP A 327 -20.12 9.06 6.49
N ALA A 328 -20.65 8.18 5.64
CA ALA A 328 -19.85 7.08 5.09
C ALA A 328 -18.80 7.56 4.10
N PRO A 329 -17.64 6.90 4.07
CA PRO A 329 -16.54 7.07 3.12
C PRO A 329 -17.01 7.58 1.75
N ALA A 330 -18.06 6.96 1.19
CA ALA A 330 -18.65 7.32 -0.12
C ALA A 330 -20.18 7.42 -0.10
N LYS A 331 -20.73 8.07 0.93
CA LYS A 331 -22.17 8.36 1.05
C LYS A 331 -23.09 7.13 1.08
N VAL A 332 -22.52 5.94 1.32
CA VAL A 332 -23.32 4.71 1.34
C VAL A 332 -22.91 3.84 2.49
N SER A 333 -23.85 3.24 3.20
CA SER A 333 -23.55 2.23 4.22
C SER A 333 -24.51 1.10 4.09
N PHE A 334 -24.17 0.00 4.77
CA PHE A 334 -24.97 -1.23 4.77
C PHE A 334 -25.85 -1.29 6.03
N VAL A 335 -27.17 -1.39 5.87
CA VAL A 335 -28.09 -1.67 6.99
C VAL A 335 -28.14 -3.19 7.06
N GLU A 336 -27.73 -3.76 8.18
CA GLU A 336 -27.79 -5.24 8.40
C GLU A 336 -29.26 -5.76 8.39
N ARG A 337 -29.48 -7.02 8.10
CA ARG A 337 -30.88 -7.55 8.05
C ARG A 337 -30.96 -8.91 8.70
N ASP A 338 -32.17 -9.30 9.09
CA ASP A 338 -32.38 -10.59 9.76
C ASP A 338 -32.75 -11.61 8.70
N LEU A 339 -31.77 -12.03 7.91
CA LEU A 339 -31.94 -13.06 6.88
C LEU A 339 -30.93 -14.17 7.16
N PRO A 340 -31.18 -15.40 6.68
CA PRO A 340 -30.12 -16.39 6.80
C PRO A 340 -28.82 -15.85 6.18
N LYS A 341 -27.70 -16.35 6.69
CA LYS A 341 -26.38 -15.81 6.37
C LYS A 341 -25.49 -16.98 6.28
N THR A 342 -24.40 -16.83 5.56
CA THR A 342 -23.42 -17.89 5.47
C THR A 342 -22.42 -17.67 6.61
N ALA A 343 -21.42 -18.54 6.75
CA ALA A 343 -20.33 -18.27 7.70
C ALA A 343 -19.64 -16.93 7.44
N MET A 344 -19.73 -16.39 6.22
CA MET A 344 -19.16 -15.08 5.90
C MET A 344 -19.94 -13.90 6.51
N GLY A 345 -21.13 -14.16 7.03
CA GLY A 345 -22.01 -13.11 7.43
C GLY A 345 -22.70 -12.55 6.21
N TRP A 346 -22.65 -13.26 5.07
CA TRP A 346 -23.31 -12.78 3.83
C TRP A 346 -24.77 -13.23 3.77
N GLU A 347 -25.65 -12.28 3.48
CA GLU A 347 -27.06 -12.58 3.37
C GLU A 347 -27.39 -13.44 2.15
N ILE A 348 -28.15 -14.51 2.39
CA ILE A 348 -28.58 -15.44 1.35
C ILE A 348 -29.77 -14.79 0.65
N VAL A 349 -29.60 -14.40 -0.63
CA VAL A 349 -30.69 -13.80 -1.39
C VAL A 349 -30.71 -14.43 -2.77
N PRO A 350 -31.31 -15.62 -2.89
CA PRO A 350 -31.17 -16.36 -4.15
C PRO A 350 -31.64 -15.65 -5.40
N GLU A 351 -32.59 -14.72 -5.24
CA GLU A 351 -33.17 -13.99 -6.36
C GLU A 351 -32.27 -12.91 -6.92
N GLY A 352 -31.15 -12.64 -6.25
CA GLY A 352 -30.16 -11.71 -6.82
C GLY A 352 -29.53 -12.24 -8.06
N ILE A 353 -29.35 -13.55 -8.12
CA ILE A 353 -28.65 -14.15 -9.24
C ILE A 353 -29.54 -14.05 -10.48
N TYR A 354 -30.87 -14.13 -10.27
CA TYR A 354 -31.89 -13.82 -11.32
C TYR A 354 -31.87 -12.31 -11.68
N TRP A 355 -31.92 -11.46 -10.67
CA TRP A 355 -31.91 -10.03 -10.89
C TRP A 355 -30.72 -9.55 -11.75
N ILE A 356 -29.53 -10.02 -11.39
CA ILE A 356 -28.32 -9.58 -12.06
C ILE A 356 -28.26 -10.11 -13.50
N LEU A 357 -28.75 -11.32 -13.71
CA LEU A 357 -28.82 -11.91 -15.04
C LEU A 357 -29.77 -11.16 -15.91
N LYS A 358 -30.93 -10.84 -15.38
CA LYS A 358 -31.87 -9.98 -16.11
C LYS A 358 -31.25 -8.60 -16.40
N LYS A 359 -30.56 -8.04 -15.43
CA LYS A 359 -30.07 -6.65 -15.56
C LYS A 359 -28.93 -6.56 -16.61
N VAL A 360 -28.07 -7.56 -16.70
CA VAL A 360 -26.98 -7.48 -17.65
C VAL A 360 -27.52 -7.51 -19.09
N LYS A 361 -28.50 -8.38 -19.33
CA LYS A 361 -29.19 -8.50 -20.64
C LYS A 361 -29.81 -7.13 -20.93
N GLU A 362 -30.57 -6.62 -19.97
CA GLU A 362 -31.25 -5.34 -20.12
C GLU A 362 -30.31 -4.18 -20.40
N GLU A 363 -29.17 -4.09 -19.70
CA GLU A 363 -28.31 -2.90 -19.81
C GLU A 363 -27.29 -2.93 -20.96
N TYR A 364 -26.66 -4.08 -21.20
CA TYR A 364 -25.61 -4.20 -22.18
C TYR A 364 -25.82 -5.33 -23.17
N ASN A 365 -26.79 -6.22 -22.97
CA ASN A 365 -27.11 -7.31 -23.91
C ASN A 365 -25.95 -8.12 -24.53
N PRO A 366 -25.07 -8.67 -23.67
CA PRO A 366 -23.95 -9.41 -24.21
C PRO A 366 -24.45 -10.71 -24.82
N PRO A 367 -23.79 -11.18 -25.88
CA PRO A 367 -24.23 -12.36 -26.62
C PRO A 367 -24.30 -13.66 -25.82
N GLU A 368 -23.44 -13.82 -24.82
CA GLU A 368 -23.36 -15.01 -23.97
C GLU A 368 -22.98 -14.52 -22.57
N VAL A 369 -23.66 -15.10 -21.57
CA VAL A 369 -23.35 -14.89 -20.16
C VAL A 369 -22.98 -16.26 -19.55
N TYR A 370 -22.11 -16.26 -18.52
CA TYR A 370 -21.86 -17.44 -17.68
C TYR A 370 -21.96 -17.00 -16.23
N ILE A 371 -22.52 -17.82 -15.36
CA ILE A 371 -22.33 -17.63 -13.90
C ILE A 371 -21.02 -18.30 -13.60
N THR A 372 -19.99 -17.47 -13.39
CA THR A 372 -18.60 -17.96 -13.27
C THR A 372 -18.18 -18.37 -11.83
N GLU A 373 -19.02 -17.97 -10.87
CA GLU A 373 -18.90 -18.34 -9.45
C GLU A 373 -20.25 -18.18 -8.76
N ASN A 374 -20.66 -19.20 -8.00
CA ASN A 374 -21.77 -19.08 -7.02
C ASN A 374 -21.48 -20.19 -6.00
N GLY A 375 -21.71 -19.88 -4.74
CA GLY A 375 -21.38 -20.81 -3.68
C GLY A 375 -21.53 -20.20 -2.31
N ALA A 376 -21.18 -20.99 -1.28
CA ALA A 376 -21.32 -20.51 0.07
C ALA A 376 -20.35 -21.13 1.06
N ALA A 377 -20.04 -20.39 2.12
CA ALA A 377 -19.24 -20.94 3.22
C ALA A 377 -20.14 -21.31 4.40
N PHE A 378 -19.99 -22.52 4.89
CA PHE A 378 -20.64 -22.97 6.14
C PHE A 378 -19.58 -23.76 6.91
N ASP A 379 -19.79 -23.87 8.23
CA ASP A 379 -18.89 -24.60 9.12
C ASP A 379 -19.15 -26.06 8.95
N ASP A 380 -18.46 -26.63 7.98
CA ASP A 380 -18.56 -28.02 7.67
C ASP A 380 -17.78 -28.81 8.69
N VAL A 381 -18.37 -29.92 9.14
CA VAL A 381 -17.66 -30.95 9.92
C VAL A 381 -17.76 -32.28 9.20
N VAL A 382 -16.76 -33.13 9.37
CA VAL A 382 -16.92 -34.52 9.04
C VAL A 382 -17.73 -35.21 10.18
N SER A 383 -18.78 -35.93 9.81
CA SER A 383 -19.65 -36.62 10.75
C SER A 383 -19.04 -37.94 11.13
N GLU A 384 -19.57 -38.49 12.24
CA GLU A 384 -19.18 -39.80 12.76
C GLU A 384 -19.36 -40.80 11.61
N ASP A 385 -20.42 -40.61 10.83
CA ASP A 385 -20.70 -41.43 9.62
C ASP A 385 -19.87 -41.17 8.36
N GLY A 386 -18.78 -40.42 8.44
CA GLY A 386 -17.78 -40.25 7.33
C GLY A 386 -18.07 -39.19 6.25
N ARG A 387 -19.15 -38.42 6.45
CA ARG A 387 -19.81 -37.61 5.44
C ARG A 387 -20.01 -36.16 5.94
N VAL A 388 -20.12 -35.25 4.99
CA VAL A 388 -20.33 -33.90 5.37
C VAL A 388 -21.75 -33.47 4.97
N HIS A 389 -22.61 -33.29 5.95
CA HIS A 389 -24.03 -33.10 5.68
C HIS A 389 -24.31 -31.62 5.58
N ASP A 390 -23.97 -31.07 4.41
CA ASP A 390 -23.98 -29.65 4.16
C ASP A 390 -25.23 -29.30 3.38
N GLN A 391 -26.33 -29.48 4.09
CA GLN A 391 -27.63 -29.31 3.56
C GLN A 391 -27.85 -27.84 3.35
N ASN A 392 -27.34 -27.03 4.29
CA ASN A 392 -27.31 -25.57 4.13
C ASN A 392 -26.72 -25.09 2.77
N ARG A 393 -25.80 -25.86 2.22
CA ARG A 393 -25.13 -25.59 0.91
C ARG A 393 -25.91 -26.14 -0.27
N ILE A 394 -26.50 -27.34 -0.09
CA ILE A 394 -27.35 -27.96 -1.10
C ILE A 394 -28.51 -27.05 -1.29
N ASP A 395 -29.03 -26.50 -0.18
CA ASP A 395 -30.15 -25.59 -0.25
C ASP A 395 -29.81 -24.30 -0.95
N TYR A 396 -28.59 -23.83 -0.68
CA TYR A 396 -28.09 -22.58 -1.24
C TYR A 396 -27.88 -22.78 -2.77
N LEU A 397 -27.18 -23.84 -3.14
CA LEU A 397 -26.96 -24.09 -4.51
C LEU A 397 -28.27 -24.34 -5.30
N LYS A 398 -29.13 -25.25 -4.80
CA LYS A 398 -30.42 -25.60 -5.45
C LYS A 398 -31.25 -24.36 -5.65
N ALA A 399 -31.34 -23.51 -4.63
CA ALA A 399 -32.07 -22.26 -4.78
C ALA A 399 -31.54 -21.30 -5.84
N HIS A 400 -30.20 -21.18 -5.94
CA HIS A 400 -29.63 -20.20 -6.88
C HIS A 400 -29.73 -20.77 -8.30
N ILE A 401 -29.51 -22.09 -8.47
CA ILE A 401 -29.68 -22.74 -9.78
C ILE A 401 -31.08 -22.59 -10.34
N GLY A 402 -32.07 -22.62 -9.45
CA GLY A 402 -33.46 -22.39 -9.79
C GLY A 402 -33.72 -21.00 -10.31
N GLN A 403 -33.16 -20.01 -9.62
CA GLN A 403 -33.19 -18.60 -10.08
C GLN A 403 -32.42 -18.36 -11.39
N ALA A 404 -31.36 -19.13 -11.63
CA ALA A 404 -30.68 -19.03 -12.94
C ALA A 404 -31.54 -19.61 -14.07
N TRP A 405 -32.17 -20.74 -13.74
CA TRP A 405 -33.08 -21.42 -14.69
C TRP A 405 -34.17 -20.46 -15.17
N LYS A 406 -34.73 -19.73 -14.20
CA LYS A 406 -35.76 -18.75 -14.46
C LYS A 406 -35.39 -17.67 -15.47
N ALA A 407 -34.16 -17.15 -15.31
CA ALA A 407 -33.60 -16.14 -16.20
C ALA A 407 -33.40 -16.69 -17.58
N ILE A 408 -32.97 -17.95 -17.69
CA ILE A 408 -32.95 -18.62 -18.99
C ILE A 408 -34.33 -18.62 -19.65
N GLN A 409 -35.39 -18.86 -18.88
CA GLN A 409 -36.76 -18.91 -19.45
C GLN A 409 -37.22 -17.56 -19.87
N GLU A 410 -36.60 -16.49 -19.36
CA GLU A 410 -36.91 -15.13 -19.84
C GLU A 410 -35.88 -14.59 -20.81
N GLY A 411 -35.15 -15.48 -21.49
CA GLY A 411 -34.24 -15.12 -22.60
C GLY A 411 -32.80 -14.64 -22.31
N VAL A 412 -32.32 -14.76 -21.07
CA VAL A 412 -30.95 -14.38 -20.79
C VAL A 412 -30.13 -15.47 -21.43
N PRO A 413 -29.18 -15.12 -22.31
CA PRO A 413 -28.38 -16.16 -22.92
C PRO A 413 -27.31 -16.83 -21.99
N LEU A 414 -27.75 -17.39 -20.86
CA LEU A 414 -26.86 -18.08 -19.89
C LEU A 414 -26.42 -19.44 -20.40
N LYS A 415 -25.14 -19.59 -20.75
CA LYS A 415 -24.63 -20.82 -21.35
C LYS A 415 -23.91 -21.79 -20.35
N GLY A 416 -23.71 -21.33 -19.12
CA GLY A 416 -23.02 -22.18 -18.14
C GLY A 416 -23.13 -21.70 -16.71
N TYR A 417 -22.84 -22.62 -15.77
CA TYR A 417 -22.94 -22.32 -14.33
C TYR A 417 -21.75 -22.97 -13.62
N PHE A 418 -20.98 -22.17 -12.84
CA PHE A 418 -19.76 -22.67 -12.17
C PHE A 418 -19.85 -22.54 -10.65
N VAL A 419 -19.76 -23.69 -9.98
CA VAL A 419 -19.81 -23.70 -8.53
C VAL A 419 -18.42 -23.23 -8.00
N TRP A 420 -18.40 -22.23 -7.15
CA TRP A 420 -17.19 -21.93 -6.34
C TRP A 420 -17.32 -22.76 -5.05
N SER A 421 -16.59 -23.86 -4.83
CA SER A 421 -15.35 -24.29 -5.48
C SER A 421 -15.32 -25.81 -5.52
N LEU A 422 -14.51 -26.40 -6.38
CA LEU A 422 -14.26 -27.81 -6.30
C LEU A 422 -13.76 -28.15 -4.89
N LEU A 423 -12.90 -27.32 -4.31
CA LEU A 423 -12.22 -27.66 -3.03
C LEU A 423 -12.34 -26.62 -1.99
N ASP A 424 -12.22 -27.05 -0.75
CA ASP A 424 -12.00 -26.11 0.34
C ASP A 424 -10.61 -25.51 0.03
N ASN A 425 -10.44 -24.22 0.26
CA ASN A 425 -9.14 -23.61 -0.11
C ASN A 425 -8.71 -22.39 0.76
N PHE A 426 -7.58 -21.79 0.38
CA PHE A 426 -7.12 -20.54 1.02
C PHE A 426 -8.02 -19.41 0.61
N GLU A 427 -8.86 -18.92 1.51
CA GLU A 427 -9.80 -17.88 1.21
C GLU A 427 -9.26 -16.50 1.51
N TRP A 428 -8.15 -16.15 0.85
CA TRP A 428 -7.59 -14.79 0.88
C TRP A 428 -7.33 -14.26 2.33
N ALA A 429 -7.81 -13.09 2.73
CA ALA A 429 -7.47 -12.58 4.08
C ALA A 429 -8.13 -13.38 5.21
N GLU A 430 -9.09 -14.26 4.86
CA GLU A 430 -9.69 -15.21 5.79
C GLU A 430 -8.93 -16.47 6.04
N GLY A 431 -7.90 -16.75 5.24
CA GLY A 431 -7.15 -17.96 5.39
C GLY A 431 -7.97 -19.22 5.15
N TYR A 432 -7.57 -20.32 5.78
CA TYR A 432 -8.33 -21.58 5.72
C TYR A 432 -9.59 -21.65 6.60
N SER A 433 -9.97 -20.56 7.24
CA SER A 433 -11.10 -20.58 8.14
C SER A 433 -12.47 -20.60 7.45
N LYS A 434 -12.52 -20.36 6.12
CA LYS A 434 -13.79 -20.43 5.36
C LYS A 434 -13.70 -21.49 4.28
N ARG A 435 -14.72 -22.36 4.31
CA ARG A 435 -14.86 -23.53 3.46
C ARG A 435 -16.02 -23.31 2.51
N PHE A 436 -15.69 -23.21 1.21
CA PHE A 436 -16.64 -22.99 0.11
C PHE A 436 -16.73 -24.25 -0.80
N GLY A 437 -15.96 -25.28 -0.51
CA GLY A 437 -15.89 -26.47 -1.36
C GLY A 437 -17.13 -27.40 -1.41
N ILE A 438 -17.28 -28.10 -2.54
CA ILE A 438 -18.15 -29.27 -2.63
C ILE A 438 -17.37 -30.57 -2.28
N VAL A 439 -16.04 -30.45 -2.20
CA VAL A 439 -15.17 -31.48 -1.65
C VAL A 439 -14.50 -30.81 -0.43
N TYR A 440 -14.52 -31.54 0.68
CA TYR A 440 -13.93 -31.12 1.94
C TYR A 440 -12.49 -31.50 1.86
N VAL A 441 -11.62 -30.63 2.34
CA VAL A 441 -10.21 -30.97 2.42
C VAL A 441 -9.82 -30.97 3.90
N ASP A 442 -9.22 -32.09 4.28
CA ASP A 442 -8.62 -32.18 5.61
C ASP A 442 -7.17 -31.81 5.41
N TYR A 443 -6.82 -30.64 5.95
CA TYR A 443 -5.50 -30.01 5.69
C TYR A 443 -4.37 -30.77 6.41
N SER A 444 -4.64 -31.27 7.62
CA SER A 444 -3.67 -32.17 8.31
C SER A 444 -3.24 -33.40 7.49
N THR A 445 -4.13 -33.96 6.66
CA THR A 445 -3.77 -35.10 5.75
C THR A 445 -3.83 -34.88 4.24
N GLN A 446 -4.49 -33.78 3.82
CA GLN A 446 -4.77 -33.52 2.38
C GLN A 446 -5.77 -34.49 1.77
N LYS A 447 -6.61 -35.09 2.59
CA LYS A 447 -7.55 -36.05 2.09
C LYS A 447 -8.80 -35.30 1.63
N ARG A 448 -9.30 -35.70 0.46
CA ARG A 448 -10.55 -35.19 -0.11
C ARG A 448 -11.75 -36.07 0.31
N ILE A 449 -12.81 -35.45 0.71
CA ILE A 449 -14.01 -36.12 1.13
C ILE A 449 -15.13 -35.39 0.41
N VAL A 450 -15.76 -36.06 -0.57
CA VAL A 450 -16.83 -35.45 -1.32
C VAL A 450 -17.96 -35.17 -0.33
N LYS A 451 -18.39 -33.92 -0.29
CA LYS A 451 -19.46 -33.52 0.53
C LYS A 451 -20.76 -33.94 -0.17
N ASP A 452 -21.86 -33.89 0.59
CA ASP A 452 -23.21 -34.23 0.08
C ASP A 452 -23.53 -33.31 -1.11
N SER A 453 -23.17 -32.02 -0.95
CA SER A 453 -23.43 -30.97 -1.95
C SER A 453 -22.80 -31.36 -3.28
N GLY A 454 -21.66 -32.02 -3.21
CA GLY A 454 -20.98 -32.56 -4.36
C GLY A 454 -21.62 -33.76 -5.03
N TYR A 455 -22.24 -34.64 -4.24
CA TYR A 455 -22.87 -35.82 -4.81
C TYR A 455 -24.13 -35.36 -5.43
N TRP A 456 -24.79 -34.48 -4.69
CA TRP A 456 -25.92 -33.82 -5.15
C TRP A 456 -25.73 -33.15 -6.52
N TYR A 457 -24.68 -32.32 -6.61
CA TYR A 457 -24.40 -31.52 -7.81
C TYR A 457 -24.18 -32.44 -8.96
N SER A 458 -23.55 -33.58 -8.71
CA SER A 458 -23.34 -34.61 -9.69
C SER A 458 -24.64 -35.06 -10.41
N ASN A 459 -25.73 -35.06 -9.64
CA ASN A 459 -27.02 -35.58 -10.09
C ASN A 459 -27.69 -34.48 -10.87
N VAL A 460 -27.58 -33.26 -10.35
CA VAL A 460 -28.00 -32.09 -11.14
C VAL A 460 -27.31 -32.12 -12.53
N VAL A 461 -26.03 -32.41 -12.60
CA VAL A 461 -25.38 -32.41 -13.92
C VAL A 461 -25.83 -33.62 -14.77
N LYS A 462 -25.90 -34.81 -14.17
CA LYS A 462 -26.50 -36.01 -14.84
C LYS A 462 -27.89 -35.69 -15.46
N ASN A 463 -28.79 -35.13 -14.66
CA ASN A 463 -30.13 -34.73 -15.13
C ASN A 463 -30.18 -33.43 -15.94
N ASN A 464 -29.06 -32.72 -16.08
CA ASN A 464 -29.04 -31.38 -16.71
C ASN A 464 -30.10 -30.42 -16.12
N GLY A 465 -30.29 -30.45 -14.81
CA GLY A 465 -31.24 -29.52 -14.15
C GLY A 465 -31.74 -30.01 -12.80
N LEU A 466 -32.77 -29.36 -12.26
CA LEU A 466 -33.37 -29.62 -10.93
C LEU A 466 -34.61 -30.59 -10.95
N GLU A 467 -34.91 -31.15 -9.77
CA GLU A 467 -36.06 -32.07 -9.48
C GLU A 467 -36.14 -33.25 -10.47
N SER B 23 28.62 26.76 38.89
CA SER B 23 27.49 27.63 38.45
C SER B 23 26.49 26.93 37.52
N ASN B 24 25.42 27.63 37.16
N ASN B 24 25.49 27.75 37.15
CA ASN B 24 24.41 27.00 36.29
CA ASN B 24 24.33 27.36 36.36
C ASN B 24 24.51 27.38 34.79
C ASN B 24 24.51 27.43 34.81
N VAL B 25 25.69 27.83 34.32
CA VAL B 25 25.88 28.15 32.89
C VAL B 25 26.23 26.83 32.19
N LYS B 26 25.61 26.58 31.03
CA LYS B 26 26.04 25.51 30.11
C LYS B 26 26.16 26.16 28.76
N LYS B 27 27.34 26.74 28.51
CA LYS B 27 27.65 27.47 27.27
C LYS B 27 28.08 26.41 26.24
N PHE B 28 27.85 26.66 24.97
CA PHE B 28 28.16 25.67 23.88
C PHE B 28 29.43 26.13 23.16
N PRO B 29 29.98 25.29 22.25
CA PRO B 29 31.17 25.75 21.52
C PRO B 29 30.87 26.96 20.67
N GLU B 30 31.90 27.72 20.35
CA GLU B 30 31.73 28.90 19.51
C GLU B 30 31.53 28.32 18.11
N GLY B 31 30.58 28.88 17.38
CA GLY B 31 30.21 28.37 16.08
C GLY B 31 29.05 27.40 16.09
N PHE B 32 28.75 26.81 17.23
CA PHE B 32 27.56 26.00 17.37
C PHE B 32 26.37 26.66 16.65
N LEU B 33 25.62 25.84 15.92
CA LEU B 33 24.56 26.36 15.03
C LEU B 33 23.21 26.10 15.67
N TRP B 34 22.45 27.15 15.95
CA TRP B 34 21.13 26.98 16.58
C TRP B 34 20.11 27.13 15.49
N GLY B 35 19.16 26.19 15.43
CA GLY B 35 18.28 26.14 14.28
C GLY B 35 16.84 25.92 14.62
N VAL B 36 15.99 26.08 13.59
CA VAL B 36 14.61 25.55 13.60
C VAL B 36 14.33 24.79 12.29
N ALA B 37 13.40 23.84 12.35
CA ALA B 37 13.07 22.94 11.21
C ALA B 37 11.60 22.99 10.75
N THR B 38 11.41 22.94 9.42
CA THR B 38 10.11 22.54 8.87
C THR B 38 10.22 21.52 7.74
N ALA B 39 9.06 21.10 7.23
CA ALA B 39 8.99 20.28 6.02
C ALA B 39 7.92 20.84 5.08
N SER B 40 8.19 20.77 3.79
CA SER B 40 7.40 21.32 2.71
C SER B 40 5.92 21.01 2.82
N TYR B 41 5.55 19.73 2.72
CA TYR B 41 4.14 19.40 2.81
C TYR B 41 3.46 19.82 4.15
N GLN B 42 4.23 19.90 5.22
CA GLN B 42 3.65 20.17 6.55
C GLN B 42 3.13 21.62 6.76
N ILE B 43 3.69 22.56 6.01
CA ILE B 43 3.47 24.02 6.20
C ILE B 43 3.00 24.80 4.98
N GLU B 44 3.34 24.30 3.78
CA GLU B 44 3.19 25.09 2.56
C GLU B 44 1.73 25.37 2.11
N GLY B 45 0.90 24.33 2.12
CA GLY B 45 -0.37 24.36 1.36
C GLY B 45 -0.16 24.59 -0.10
N SER B 46 -1.22 24.91 -0.81
CA SER B 46 -1.11 25.13 -2.27
C SER B 46 -0.29 24.03 -3.02
N PRO B 47 -0.55 22.74 -2.75
CA PRO B 47 0.20 21.61 -3.37
C PRO B 47 0.19 21.56 -4.88
N LEU B 48 -0.89 22.01 -5.50
CA LEU B 48 -0.97 21.98 -6.97
C LEU B 48 -0.79 23.33 -7.64
N ALA B 49 -0.55 24.40 -6.87
CA ALA B 49 -0.24 25.71 -7.45
C ALA B 49 0.94 25.65 -8.45
N ASP B 50 0.94 26.58 -9.40
CA ASP B 50 2.11 26.92 -10.27
C ASP B 50 2.83 25.73 -10.95
N GLY B 51 2.01 24.80 -11.47
CA GLY B 51 2.43 23.69 -12.29
C GLY B 51 2.94 22.47 -11.51
N ALA B 52 2.73 22.46 -10.20
CA ALA B 52 3.28 21.39 -9.39
C ALA B 52 2.50 20.08 -9.64
N GLY B 53 3.21 18.95 -9.67
CA GLY B 53 2.55 17.65 -9.71
C GLY B 53 2.05 17.29 -8.34
N MET B 54 1.09 16.38 -8.32
CA MET B 54 0.65 15.81 -7.05
C MET B 54 1.81 15.02 -6.44
N SER B 55 1.81 15.02 -5.12
CA SER B 55 2.69 14.16 -4.30
C SER B 55 1.87 12.96 -3.77
N ILE B 56 2.57 11.95 -3.26
CA ILE B 56 1.88 10.85 -2.58
C ILE B 56 1.12 11.24 -1.33
N TRP B 57 1.52 12.35 -0.72
CA TRP B 57 0.84 12.84 0.52
C TRP B 57 -0.50 13.61 0.26
N HIS B 58 -0.56 14.30 -0.85
CA HIS B 58 -1.84 14.80 -1.43
C HIS B 58 -2.84 13.66 -1.63
N THR B 59 -2.41 12.60 -2.31
CA THR B 59 -3.30 11.49 -2.66
C THR B 59 -3.69 10.66 -1.45
N PHE B 60 -2.72 10.43 -0.56
CA PHE B 60 -2.99 9.66 0.66
C PHE B 60 -3.89 10.44 1.62
N SER B 61 -3.64 11.74 1.81
CA SER B 61 -4.47 12.52 2.77
C SER B 61 -5.89 12.72 2.24
N HIS B 62 -6.02 12.84 0.92
CA HIS B 62 -7.31 12.88 0.25
C HIS B 62 -8.05 11.56 0.14
N THR B 63 -7.49 10.48 0.68
CA THR B 63 -8.15 9.18 0.72
C THR B 63 -8.80 9.05 2.08
N PRO B 64 -10.11 8.76 2.09
CA PRO B 64 -10.80 8.70 3.36
C PRO B 64 -10.27 7.65 4.32
N GLY B 65 -10.14 8.03 5.58
CA GLY B 65 -9.68 7.11 6.63
C GLY B 65 -8.20 7.06 6.90
N ASN B 66 -7.39 7.77 6.12
CA ASN B 66 -5.95 7.76 6.34
C ASN B 66 -5.45 8.82 7.38
N VAL B 67 -6.02 10.04 7.37
CA VAL B 67 -5.60 11.10 8.33
C VAL B 67 -6.74 11.46 9.30
N LYS B 68 -6.38 11.80 10.54
CA LYS B 68 -7.37 12.23 11.58
C LYS B 68 -8.19 13.44 11.08
N ASN B 69 -9.53 13.38 11.28
CA ASN B 69 -10.53 14.41 10.83
C ASN B 69 -10.49 14.74 9.33
N GLY B 70 -9.98 13.83 8.49
CA GLY B 70 -9.80 14.09 7.07
C GLY B 70 -8.91 15.28 6.78
N ASP B 71 -7.98 15.63 7.67
CA ASP B 71 -7.13 16.76 7.38
C ASP B 71 -6.22 16.47 6.17
N THR B 72 -5.90 17.52 5.42
CA THR B 72 -4.96 17.45 4.34
C THR B 72 -3.94 18.57 4.44
N GLY B 73 -2.94 18.51 3.58
CA GLY B 73 -2.05 19.61 3.36
C GLY B 73 -2.48 20.65 2.39
N ASP B 74 -3.75 20.70 1.97
CA ASP B 74 -4.19 21.70 0.95
C ASP B 74 -3.89 23.13 1.33
N VAL B 75 -4.03 23.43 2.62
CA VAL B 75 -3.75 24.80 3.16
C VAL B 75 -2.58 24.84 4.18
N ALA B 76 -2.71 24.07 5.25
CA ALA B 76 -1.71 24.01 6.31
C ALA B 76 -1.46 25.42 6.84
N CYS B 77 -0.22 25.87 6.82
CA CYS B 77 0.20 27.16 7.36
C CYS B 77 0.29 28.19 6.25
N ASP B 78 -0.15 27.85 5.03
CA ASP B 78 -0.16 28.75 3.87
C ASP B 78 1.18 29.47 3.73
N HIS B 79 2.25 28.77 4.09
CA HIS B 79 3.61 29.25 3.99
C HIS B 79 3.99 29.47 2.53
N TYR B 80 3.36 28.77 1.59
CA TYR B 80 3.55 29.07 0.16
C TYR B 80 3.27 30.56 -0.18
N ASN B 81 2.38 31.18 0.60
CA ASN B 81 2.09 32.64 0.46
C ASN B 81 2.70 33.48 1.58
N ARG B 82 2.73 32.97 2.82
CA ARG B 82 3.22 33.74 3.98
C ARG B 82 4.70 33.54 4.37
N TRP B 83 5.52 33.13 3.41
CA TRP B 83 6.92 32.76 3.67
C TRP B 83 7.87 33.88 4.18
N LYS B 84 7.69 35.12 3.71
CA LYS B 84 8.50 36.29 4.19
C LYS B 84 8.28 36.51 5.67
N GLU B 85 7.02 36.64 6.06
CA GLU B 85 6.71 36.76 7.48
C GLU B 85 7.43 35.72 8.30
N ASP B 86 7.36 34.47 7.81
CA ASP B 86 7.89 33.33 8.53
C ASP B 86 9.39 33.41 8.71
N ILE B 87 10.10 33.78 7.66
CA ILE B 87 11.54 33.97 7.74
C ILE B 87 11.80 35.16 8.69
N GLU B 88 10.95 36.20 8.63
CA GLU B 88 11.03 37.38 9.56
C GLU B 88 10.84 36.99 11.03
N ILE B 89 9.96 36.05 11.30
CA ILE B 89 9.87 35.49 12.66
C ILE B 89 11.19 34.83 13.11
N ILE B 90 11.89 34.16 12.17
CA ILE B 90 13.17 33.49 12.49
C ILE B 90 14.23 34.59 12.79
N GLU B 91 14.35 35.55 11.87
CA GLU B 91 15.15 36.79 12.05
C GLU B 91 14.91 37.47 13.42
N LYS B 92 13.68 37.91 13.65
CA LYS B 92 13.23 38.45 14.93
C LYS B 92 13.70 37.64 16.11
N LEU B 93 13.55 36.33 16.09
CA LEU B 93 13.99 35.49 17.22
C LEU B 93 15.52 35.23 17.24
N GLY B 94 16.26 35.72 16.26
CA GLY B 94 17.71 35.55 16.26
C GLY B 94 18.23 34.14 15.95
N VAL B 95 17.34 33.20 15.52
CA VAL B 95 17.73 31.79 15.32
C VAL B 95 18.67 31.78 14.12
N LYS B 96 19.78 31.05 14.17
CA LYS B 96 20.88 31.21 13.15
C LYS B 96 20.84 30.24 11.95
N ALA B 97 20.01 29.18 12.04
CA ALA B 97 19.80 28.27 10.89
C ALA B 97 18.33 27.82 10.74
N TYR B 98 17.96 27.58 9.49
CA TYR B 98 16.62 27.08 9.11
C TYR B 98 16.80 25.78 8.29
N ARG B 99 16.37 24.67 8.87
CA ARG B 99 16.21 23.42 8.13
C ARG B 99 14.83 23.42 7.50
N PHE B 100 14.78 23.32 6.17
CA PHE B 100 13.50 23.18 5.44
C PHE B 100 13.66 22.18 4.27
N SER B 101 12.53 21.65 3.80
CA SER B 101 12.55 20.68 2.70
C SER B 101 12.03 21.27 1.42
N ILE B 102 12.43 20.64 0.33
CA ILE B 102 11.96 20.92 -0.99
C ILE B 102 10.99 19.82 -1.47
N SER B 103 9.98 20.28 -2.19
CA SER B 103 8.85 19.45 -2.63
C SER B 103 9.21 19.03 -4.01
N TRP B 104 9.62 17.78 -4.14
CA TRP B 104 10.11 17.21 -5.40
C TRP B 104 9.14 17.48 -6.55
N PRO B 105 7.83 17.21 -6.37
CA PRO B 105 6.88 17.43 -7.47
C PRO B 105 6.58 18.95 -7.82
N ARG B 106 7.03 19.89 -6.99
CA ARG B 106 7.06 21.32 -7.39
C ARG B 106 8.17 21.59 -8.37
N ILE B 107 9.21 20.78 -8.28
CA ILE B 107 10.37 20.95 -9.14
C ILE B 107 10.36 20.10 -10.38
N LEU B 108 9.98 18.82 -10.21
CA LEU B 108 9.73 17.90 -11.35
C LEU B 108 8.32 17.30 -11.18
N PRO B 109 7.31 17.92 -11.81
CA PRO B 109 5.94 17.47 -11.59
C PRO B 109 5.71 16.03 -11.99
N GLU B 110 6.45 15.55 -12.99
CA GLU B 110 6.37 14.15 -13.37
C GLU B 110 7.41 13.30 -12.67
N GLY B 111 8.15 13.87 -11.70
CA GLY B 111 9.26 13.15 -11.06
C GLY B 111 10.60 13.17 -11.76
N THR B 112 10.62 12.93 -13.06
CA THR B 112 11.77 13.12 -13.91
C THR B 112 11.31 14.00 -15.08
N GLY B 113 12.29 14.46 -15.85
CA GLY B 113 12.02 15.15 -17.13
C GLY B 113 12.05 16.65 -16.94
N ARG B 114 10.92 17.31 -17.25
CA ARG B 114 10.82 18.77 -17.28
C ARG B 114 10.88 19.41 -15.91
N VAL B 115 11.71 20.45 -15.76
CA VAL B 115 11.77 21.28 -14.55
C VAL B 115 10.68 22.37 -14.52
N ASN B 116 10.04 22.56 -13.40
CA ASN B 116 9.02 23.56 -13.30
C ASN B 116 9.72 24.85 -12.78
N GLN B 117 10.07 25.75 -13.69
CA GLN B 117 10.76 27.03 -13.38
C GLN B 117 10.16 27.74 -12.17
N LYS B 118 8.84 27.76 -12.09
CA LYS B 118 8.17 28.38 -10.96
C LYS B 118 8.45 27.70 -9.60
N GLY B 119 8.76 26.41 -9.60
CA GLY B 119 9.15 25.75 -8.35
C GLY B 119 10.52 26.16 -7.93
N LEU B 120 11.41 26.28 -8.90
CA LEU B 120 12.70 26.85 -8.64
C LEU B 120 12.62 28.28 -8.03
N ASP B 121 11.81 29.11 -8.67
CA ASP B 121 11.55 30.49 -8.19
C ASP B 121 11.15 30.50 -6.71
N PHE B 122 10.24 29.62 -6.34
CA PHE B 122 9.71 29.67 -4.96
C PHE B 122 10.81 29.41 -3.92
N TYR B 123 11.70 28.47 -4.23
CA TYR B 123 12.75 28.18 -3.29
C TYR B 123 13.90 29.20 -3.42
N ASN B 124 14.14 29.74 -4.61
CA ASN B 124 15.18 30.77 -4.76
C ASN B 124 14.88 32.01 -3.91
N ARG B 125 13.64 32.48 -3.95
CA ARG B 125 13.19 33.51 -3.01
C ARG B 125 13.44 33.13 -1.55
N ILE B 126 13.17 31.88 -1.15
CA ILE B 126 13.38 31.51 0.26
C ILE B 126 14.85 31.52 0.62
N ILE B 127 15.70 31.09 -0.31
CA ILE B 127 17.11 30.92 -0.05
C ILE B 127 17.76 32.29 0.05
N ASP B 128 17.64 33.07 -1.02
CA ASP B 128 18.14 34.45 -1.10
C ASP B 128 17.77 35.30 0.10
N THR B 129 16.52 35.15 0.55
CA THR B 129 16.05 35.91 1.70
C THR B 129 16.69 35.47 2.98
N LEU B 130 16.80 34.16 3.18
CA LEU B 130 17.51 33.64 4.36
C LEU B 130 18.93 34.23 4.43
N LEU B 131 19.59 34.34 3.27
CA LEU B 131 20.98 34.76 3.19
C LEU B 131 21.10 36.26 3.53
N GLU B 132 20.27 37.08 2.88
CA GLU B 132 20.28 38.54 3.08
C GLU B 132 20.12 38.84 4.56
N LYS B 133 19.42 37.97 5.29
CA LYS B 133 19.26 38.11 6.75
C LYS B 133 20.24 37.25 7.58
N GLY B 134 21.35 36.83 6.95
CA GLY B 134 22.28 35.83 7.56
C GLY B 134 21.73 34.58 8.30
N ILE B 135 20.65 33.97 7.78
CA ILE B 135 20.10 32.71 8.35
C ILE B 135 20.67 31.60 7.46
N THR B 136 21.32 30.60 8.08
CA THR B 136 22.01 29.53 7.30
C THR B 136 21.00 28.47 6.85
N PRO B 137 20.92 28.22 5.53
CA PRO B 137 19.92 27.27 5.04
C PRO B 137 20.43 25.82 5.14
N PHE B 138 19.68 24.95 5.82
CA PHE B 138 19.92 23.49 5.69
C PHE B 138 18.77 22.86 4.88
N VAL B 139 19.08 22.34 3.69
CA VAL B 139 18.02 21.79 2.80
C VAL B 139 17.86 20.27 2.92
N THR B 140 16.67 19.84 3.32
CA THR B 140 16.27 18.42 3.19
C THR B 140 15.78 18.19 1.75
N ILE B 141 16.54 17.43 0.99
CA ILE B 141 16.11 17.09 -0.40
C ILE B 141 14.79 16.33 -0.41
N TYR B 142 14.61 15.36 0.50
CA TYR B 142 13.43 14.49 0.55
C TYR B 142 12.88 14.36 1.90
N HIS B 143 11.73 14.96 2.11
CA HIS B 143 11.04 14.82 3.40
C HIS B 143 9.60 14.37 3.13
N TRP B 144 9.46 13.33 2.32
CA TRP B 144 8.33 12.41 2.29
C TRP B 144 7.28 12.65 1.19
N ASP B 145 7.38 13.77 0.44
CA ASP B 145 6.34 14.10 -0.55
C ASP B 145 6.80 13.65 -1.91
N LEU B 146 6.90 12.32 -2.08
CA LEU B 146 7.32 11.75 -3.33
C LEU B 146 6.32 12.15 -4.42
N PRO B 147 6.81 12.48 -5.61
CA PRO B 147 5.81 12.69 -6.72
C PRO B 147 4.96 11.45 -6.97
N PHE B 148 3.65 11.69 -7.15
CA PHE B 148 2.69 10.66 -7.41
C PHE B 148 3.00 9.92 -8.68
N ALA B 149 3.51 10.63 -9.66
CA ALA B 149 3.90 10.02 -10.91
C ALA B 149 4.96 8.92 -10.75
N LEU B 150 5.79 9.01 -9.70
CA LEU B 150 6.80 7.99 -9.44
C LEU B 150 6.25 6.84 -8.65
N GLN B 151 5.27 7.11 -7.83
CA GLN B 151 4.60 6.08 -7.11
C GLN B 151 3.85 5.14 -8.04
N LEU B 152 3.32 5.67 -9.14
CA LEU B 152 2.67 4.85 -10.12
C LEU B 152 3.64 3.88 -10.77
N LYS B 153 4.92 4.21 -10.75
CA LYS B 153 5.96 3.29 -11.22
C LYS B 153 6.63 2.53 -10.05
N GLY B 154 5.99 2.50 -8.90
CA GLY B 154 6.48 1.73 -7.79
C GLY B 154 7.19 2.49 -6.67
N GLY B 155 7.53 3.76 -6.92
CA GLY B 155 8.13 4.59 -5.87
C GLY B 155 9.40 3.97 -5.32
N TRP B 156 9.51 3.91 -3.99
CA TRP B 156 10.74 3.40 -3.34
C TRP B 156 10.96 1.92 -3.54
N ALA B 157 9.95 1.21 -4.04
CA ALA B 157 10.02 -0.20 -4.29
C ALA B 157 10.80 -0.50 -5.58
N ASN B 158 10.92 0.50 -6.44
CA ASN B 158 11.52 0.34 -7.76
C ASN B 158 12.98 0.74 -7.67
N ARG B 159 13.87 -0.15 -8.11
CA ARG B 159 15.34 0.09 -8.12
C ARG B 159 15.74 1.33 -8.90
N GLU B 160 14.93 1.65 -9.90
CA GLU B 160 15.12 2.83 -10.67
C GLU B 160 15.02 4.10 -9.91
N ILE B 161 14.42 4.13 -8.72
CA ILE B 161 14.28 5.38 -8.00
C ILE B 161 15.68 5.96 -7.68
N ALA B 162 16.70 5.12 -7.59
CA ALA B 162 18.07 5.64 -7.41
C ALA B 162 18.49 6.58 -8.57
N ASP B 163 18.04 6.32 -9.81
CA ASP B 163 18.29 7.27 -10.90
C ASP B 163 17.41 8.47 -10.81
N TRP B 164 16.12 8.26 -10.57
CA TRP B 164 15.19 9.36 -10.46
C TRP B 164 15.68 10.32 -9.36
N PHE B 165 16.17 9.79 -8.23
CA PHE B 165 16.56 10.60 -7.10
C PHE B 165 17.86 11.37 -7.40
N ALA B 166 18.79 10.72 -8.11
CA ALA B 166 20.05 11.32 -8.54
C ALA B 166 19.76 12.50 -9.50
N GLU B 167 18.78 12.32 -10.39
CA GLU B 167 18.42 13.31 -11.36
C GLU B 167 17.72 14.51 -10.68
N TYR B 168 16.85 14.25 -9.71
CA TYR B 168 16.22 15.30 -8.96
C TYR B 168 17.23 16.08 -8.10
N SER B 169 18.15 15.37 -7.48
CA SER B 169 19.19 15.98 -6.64
C SER B 169 20.12 16.93 -7.45
N ARG B 170 20.58 16.46 -8.61
CA ARG B 170 21.32 17.27 -9.58
C ARG B 170 20.58 18.61 -9.84
N VAL B 171 19.29 18.58 -10.13
CA VAL B 171 18.59 19.83 -10.42
C VAL B 171 18.71 20.80 -9.23
N LEU B 172 18.47 20.31 -8.01
CA LEU B 172 18.62 21.09 -6.79
C LEU B 172 20.05 21.59 -6.59
N PHE B 173 21.03 20.74 -6.82
CA PHE B 173 22.41 21.17 -6.63
C PHE B 173 22.84 22.23 -7.68
N GLU B 174 22.44 22.03 -8.93
CA GLU B 174 22.87 22.92 -9.98
C GLU B 174 22.20 24.28 -9.84
N ASN B 175 20.92 24.33 -9.43
CA ASN B 175 20.18 25.58 -9.28
C ASN B 175 20.42 26.29 -7.94
N PHE B 176 20.52 25.56 -6.84
CA PHE B 176 20.60 26.13 -5.51
C PHE B 176 22.00 26.02 -4.83
N GLY B 177 22.93 25.24 -5.39
CA GLY B 177 24.15 24.86 -4.65
C GLY B 177 25.27 25.90 -4.56
N ASP B 178 25.17 26.91 -5.41
CA ASP B 178 25.98 28.12 -5.34
C ASP B 178 25.76 28.87 -4.01
N ARG B 179 24.52 28.87 -3.48
CA ARG B 179 24.18 29.53 -2.24
C ARG B 179 23.83 28.63 -1.01
N VAL B 180 23.48 27.36 -1.24
CA VAL B 180 23.19 26.44 -0.13
C VAL B 180 24.35 25.44 -0.14
N LYS B 181 24.97 25.26 1.01
CA LYS B 181 26.17 24.41 1.15
C LYS B 181 25.94 23.38 2.23
N ASN B 182 24.74 23.33 2.83
CA ASN B 182 24.43 22.31 3.82
C ASN B 182 23.18 21.54 3.32
N TRP B 183 23.34 20.23 3.11
CA TRP B 183 22.32 19.41 2.46
C TRP B 183 22.06 18.08 3.19
N ILE B 184 20.83 17.61 3.09
CA ILE B 184 20.39 16.35 3.69
C ILE B 184 19.66 15.57 2.58
N THR B 185 20.08 14.35 2.32
CA THR B 185 19.47 13.54 1.24
C THR B 185 18.08 13.13 1.66
N LEU B 186 17.98 12.49 2.80
CA LEU B 186 16.76 11.85 3.25
C LEU B 186 16.46 12.16 4.67
N ASN B 187 15.20 12.48 4.92
CA ASN B 187 14.65 12.50 6.26
C ASN B 187 14.02 11.18 6.67
N GLU B 188 14.63 10.57 7.68
CA GLU B 188 14.08 9.44 8.38
C GLU B 188 13.65 8.27 7.41
N PRO B 189 14.61 7.75 6.64
CA PRO B 189 14.32 6.63 5.71
C PRO B 189 13.67 5.41 6.38
N TRP B 190 13.92 5.17 7.67
CA TRP B 190 13.23 4.08 8.39
C TRP B 190 11.71 4.26 8.37
N VAL B 191 11.29 5.51 8.57
CA VAL B 191 9.88 5.88 8.59
C VAL B 191 9.30 5.77 7.18
N VAL B 192 10.03 6.26 6.19
CA VAL B 192 9.61 6.20 4.78
C VAL B 192 9.32 4.74 4.40
N ALA B 193 10.29 3.86 4.76
CA ALA B 193 10.20 2.49 4.42
C ALA B 193 9.15 1.73 5.22
N ILE B 194 9.28 1.76 6.54
CA ILE B 194 8.55 0.85 7.42
C ILE B 194 7.16 1.44 7.71
N VAL B 195 7.07 2.71 8.07
CA VAL B 195 5.73 3.30 8.34
C VAL B 195 4.90 3.47 7.03
N GLY B 196 5.57 3.78 5.94
CA GLY B 196 4.92 3.90 4.63
C GLY B 196 4.55 2.60 3.92
N HIS B 197 5.32 1.54 4.14
CA HIS B 197 5.24 0.31 3.34
C HIS B 197 5.07 -0.99 4.14
N LEU B 198 5.29 -1.01 5.46
CA LEU B 198 4.88 -2.15 6.30
C LEU B 198 3.64 -1.86 7.17
N TYR B 199 3.59 -0.72 7.86
CA TYR B 199 2.48 -0.37 8.75
C TYR B 199 1.36 0.30 8.03
N GLY B 200 1.65 0.91 6.88
CA GLY B 200 0.64 1.56 6.08
C GLY B 200 0.06 2.84 6.69
N VAL B 201 0.71 3.42 7.72
CA VAL B 201 0.19 4.62 8.41
C VAL B 201 0.57 5.89 7.66
N HIS B 202 1.62 5.80 6.82
CA HIS B 202 2.06 6.92 5.97
C HIS B 202 1.97 6.61 4.48
N ALA B 203 1.88 7.62 3.65
CA ALA B 203 1.88 7.40 2.19
C ALA B 203 3.14 6.51 1.82
N PRO B 204 2.98 5.54 0.91
CA PRO B 204 1.75 5.32 0.13
C PRO B 204 0.77 4.38 0.79
N GLY B 205 0.96 4.08 2.07
CA GLY B 205 0.00 3.28 2.80
C GLY B 205 -0.12 1.82 2.44
N MET B 206 1.01 1.17 2.24
CA MET B 206 1.13 -0.21 1.95
C MET B 206 1.56 -1.02 3.19
N ARG B 207 1.21 -2.30 3.21
CA ARG B 207 1.60 -3.29 4.22
C ARG B 207 2.15 -4.58 3.59
N ASP B 208 3.42 -4.52 3.25
CA ASP B 208 4.08 -5.64 2.60
C ASP B 208 5.53 -5.58 3.04
N ILE B 209 5.93 -6.60 3.77
CA ILE B 209 7.27 -6.53 4.42
C ILE B 209 8.38 -6.67 3.43
N TYR B 210 8.09 -7.39 2.36
CA TYR B 210 9.08 -7.53 1.28
C TYR B 210 9.31 -6.22 0.50
N VAL B 211 8.24 -5.49 0.22
CA VAL B 211 8.35 -4.18 -0.38
C VAL B 211 9.08 -3.22 0.60
N ALA B 212 8.68 -3.24 1.88
CA ALA B 212 9.30 -2.37 2.89
C ALA B 212 10.79 -2.53 2.98
N PHE B 213 11.30 -3.75 2.93
CA PHE B 213 12.78 -3.93 2.94
C PHE B 213 13.49 -3.55 1.60
N ARG B 214 12.82 -3.74 0.47
CA ARG B 214 13.27 -3.16 -0.77
C ARG B 214 13.27 -1.64 -0.72
N ALA B 215 12.28 -1.05 -0.04
CA ALA B 215 12.37 0.43 0.16
C ALA B 215 13.60 0.86 0.96
N VAL B 216 13.94 0.09 2.00
CA VAL B 216 15.10 0.42 2.86
C VAL B 216 16.36 0.48 1.98
N HIS B 217 16.51 -0.58 1.20
CA HIS B 217 17.68 -0.76 0.38
C HIS B 217 17.76 0.25 -0.71
N ASN B 218 16.65 0.48 -1.41
CA ASN B 218 16.65 1.53 -2.46
C ASN B 218 16.79 2.97 -1.90
N LEU B 219 16.33 3.20 -0.67
CA LEU B 219 16.63 4.49 0.00
C LEU B 219 18.12 4.68 0.13
N LEU B 220 18.84 3.66 0.56
CA LEU B 220 20.32 3.73 0.66
C LEU B 220 21.02 3.96 -0.68
N ARG B 221 20.57 3.25 -1.72
CA ARG B 221 21.12 3.40 -3.05
C ARG B 221 20.88 4.82 -3.60
N ALA B 222 19.67 5.33 -3.43
CA ALA B 222 19.35 6.69 -3.89
C ALA B 222 20.23 7.71 -3.11
N HIS B 223 20.23 7.61 -1.79
CA HIS B 223 21.11 8.42 -0.99
C HIS B 223 22.53 8.48 -1.58
N ALA B 224 23.11 7.30 -1.77
CA ALA B 224 24.49 7.25 -2.24
C ALA B 224 24.67 7.86 -3.62
N ARG B 225 23.71 7.62 -4.52
CA ARG B 225 23.83 8.22 -5.87
C ARG B 225 23.73 9.74 -5.77
N ALA B 226 22.91 10.26 -4.85
CA ALA B 226 22.86 11.68 -4.66
C ALA B 226 24.17 12.28 -4.15
N VAL B 227 24.81 11.63 -3.18
CA VAL B 227 26.12 12.09 -2.65
C VAL B 227 27.17 12.13 -3.75
N LYS B 228 27.26 11.09 -4.56
CA LYS B 228 28.18 11.00 -5.70
C LYS B 228 28.01 12.21 -6.65
N VAL B 229 26.75 12.58 -6.91
CA VAL B 229 26.42 13.71 -7.82
C VAL B 229 26.80 15.02 -7.16
N PHE B 230 26.52 15.12 -5.85
CA PHE B 230 26.86 16.28 -5.04
C PHE B 230 28.38 16.65 -5.13
N ARG B 231 29.24 15.63 -5.15
CA ARG B 231 30.68 15.80 -5.22
C ARG B 231 31.09 16.39 -6.57
N GLU B 232 30.37 16.03 -7.64
CA GLU B 232 30.60 16.61 -8.93
C GLU B 232 29.88 17.95 -9.13
N THR B 233 29.08 18.44 -8.18
CA THR B 233 28.27 19.62 -8.51
C THR B 233 28.29 20.75 -7.48
N VAL B 234 28.84 20.54 -6.29
CA VAL B 234 28.77 21.59 -5.27
C VAL B 234 30.14 21.71 -4.68
N LYS B 235 30.70 22.92 -4.84
CA LYS B 235 31.97 23.35 -4.29
C LYS B 235 31.77 23.72 -2.83
N ASP B 236 32.59 23.17 -1.95
CA ASP B 236 32.68 23.62 -0.56
C ASP B 236 31.38 23.34 0.17
N GLY B 237 30.73 22.24 -0.21
CA GLY B 237 29.44 21.85 0.37
C GLY B 237 29.62 20.68 1.30
N LYS B 238 28.75 20.60 2.32
CA LYS B 238 28.61 19.45 3.22
C LYS B 238 27.26 18.73 2.91
N ILE B 239 27.30 17.40 2.87
CA ILE B 239 26.07 16.58 2.72
C ILE B 239 26.03 15.45 3.74
N GLY B 240 24.81 15.20 4.19
CA GLY B 240 24.48 14.17 5.18
C GLY B 240 23.08 13.56 5.02
N ILE B 241 22.66 12.83 6.04
CA ILE B 241 21.40 12.11 6.05
C ILE B 241 20.87 12.09 7.49
N VAL B 242 19.54 12.08 7.64
CA VAL B 242 18.85 12.21 8.95
C VAL B 242 18.08 10.95 9.34
N PHE B 243 18.28 10.53 10.59
CA PHE B 243 17.63 9.36 11.12
C PHE B 243 16.82 9.67 12.34
N ASN B 244 15.69 8.96 12.43
CA ASN B 244 14.92 8.89 13.66
C ASN B 244 15.65 8.00 14.62
N ASN B 245 15.52 8.28 15.91
CA ASN B 245 16.08 7.40 16.95
C ASN B 245 15.26 7.43 18.22
N GLY B 246 15.12 6.26 18.83
CA GLY B 246 14.53 6.15 20.13
C GLY B 246 15.53 5.61 21.13
N TYR B 247 15.32 6.00 22.40
CA TYR B 247 16.09 5.47 23.48
C TYR B 247 15.37 4.28 24.04
N PHE B 248 15.82 3.09 23.70
CA PHE B 248 15.23 1.83 24.11
C PHE B 248 15.88 1.27 25.38
N GLU B 249 15.07 0.91 26.39
CA GLU B 249 15.60 0.34 27.65
C GLU B 249 14.94 -0.99 27.91
N PRO B 250 15.72 -1.95 28.48
CA PRO B 250 15.15 -3.26 28.80
C PRO B 250 14.13 -3.17 29.96
N ALA B 251 13.13 -4.04 29.94
CA ALA B 251 12.13 -4.05 31.03
C ALA B 251 12.65 -4.80 32.28
N SER B 252 13.35 -5.88 32.02
CA SER B 252 14.04 -6.62 33.02
C SER B 252 15.49 -6.71 32.58
N GLU B 253 16.37 -6.94 33.57
CA GLU B 253 17.79 -7.19 33.34
C GLU B 253 18.05 -8.61 32.82
N LYS B 254 17.01 -9.34 32.39
CA LYS B 254 17.15 -10.68 31.75
C LYS B 254 17.78 -10.59 30.34
N GLU B 255 18.56 -11.63 29.95
CA GLU B 255 19.28 -11.72 28.65
C GLU B 255 18.42 -11.36 27.41
N GLU B 256 17.27 -12.03 27.32
CA GLU B 256 16.31 -11.80 26.24
C GLU B 256 15.78 -10.36 26.09
N ASP B 257 15.57 -9.66 27.18
CA ASP B 257 15.12 -8.27 27.12
C ASP B 257 16.25 -7.31 26.67
N ILE B 258 17.48 -7.66 27.05
CA ILE B 258 18.66 -6.89 26.69
C ILE B 258 18.87 -7.03 25.17
N ARG B 259 18.69 -8.25 24.65
CA ARG B 259 18.77 -8.55 23.23
C ARG B 259 17.65 -7.87 22.39
N ALA B 260 16.48 -7.73 23.00
CA ALA B 260 15.36 -7.09 22.39
C ALA B 260 15.66 -5.62 22.21
N VAL B 261 16.26 -5.02 23.23
CA VAL B 261 16.68 -3.63 23.14
C VAL B 261 17.67 -3.53 21.98
N ARG B 262 18.65 -4.45 21.92
CA ARG B 262 19.66 -4.42 20.90
C ARG B 262 19.00 -4.49 19.48
N PHE B 263 17.97 -5.37 19.31
CA PHE B 263 17.26 -5.48 18.04
C PHE B 263 16.65 -4.14 17.68
N MET B 264 16.07 -3.46 18.66
CA MET B 264 15.38 -2.23 18.39
C MET B 264 16.30 -1.12 17.97
N HIS B 265 17.48 -1.10 18.55
CA HIS B 265 18.45 -0.08 18.21
C HIS B 265 18.96 -0.32 16.80
N GLN B 266 19.33 -1.56 16.51
CA GLN B 266 19.86 -1.89 15.20
C GLN B 266 18.82 -1.66 14.05
N PHE B 267 17.53 -1.87 14.31
CA PHE B 267 16.46 -1.77 13.31
C PHE B 267 15.81 -0.39 13.20
N ASN B 268 15.40 0.17 14.34
CA ASN B 268 14.71 1.49 14.41
C ASN B 268 15.64 2.68 14.36
N ASN B 269 16.91 2.51 14.72
CA ASN B 269 17.80 3.67 14.93
C ASN B 269 18.82 3.74 13.76
N TYR B 270 19.71 4.74 13.80
CA TYR B 270 20.75 4.93 12.80
C TYR B 270 21.50 3.65 12.28
N PRO B 271 21.75 2.60 13.13
CA PRO B 271 22.57 1.51 12.56
C PRO B 271 21.99 0.80 11.34
N LEU B 272 20.67 0.73 11.19
CA LEU B 272 20.08 0.15 9.94
C LEU B 272 20.73 0.72 8.66
N PHE B 273 21.01 2.03 8.67
CA PHE B 273 21.55 2.75 7.52
C PHE B 273 23.07 3.03 7.61
N LEU B 274 23.58 3.26 8.82
CA LEU B 274 25.02 3.58 9.02
C LEU B 274 25.91 2.37 8.99
N ASN B 275 25.40 1.22 9.38
CA ASN B 275 26.18 -0.02 9.21
C ASN B 275 26.43 -0.25 7.72
N PRO B 276 25.36 -0.15 6.87
CA PRO B 276 25.68 -0.18 5.46
C PRO B 276 26.69 0.88 5.00
N ILE B 277 26.43 2.13 5.37
CA ILE B 277 27.25 3.27 4.89
C ILE B 277 28.76 3.14 5.31
N TYR B 278 28.99 2.87 6.61
CA TYR B 278 30.34 2.71 7.20
C TYR B 278 30.99 1.30 7.20
N ARG B 279 30.18 0.23 7.15
N ARG B 279 30.19 0.22 7.20
CA ARG B 279 30.68 -1.15 7.26
CA ARG B 279 30.76 -1.15 7.24
C ARG B 279 30.27 -2.11 6.17
C ARG B 279 30.50 -1.99 5.98
N GLY B 280 29.48 -1.64 5.20
CA GLY B 280 29.17 -2.44 4.02
C GLY B 280 28.23 -3.58 4.19
N ASP B 281 27.47 -3.61 5.30
CA ASP B 281 26.37 -4.57 5.41
C ASP B 281 25.33 -4.04 6.39
N TYR B 282 24.16 -4.65 6.44
CA TYR B 282 23.15 -4.34 7.44
C TYR B 282 23.58 -4.88 8.78
N PRO B 283 22.99 -4.38 9.89
CA PRO B 283 23.35 -4.90 11.22
C PRO B 283 22.98 -6.35 11.35
N GLU B 284 23.72 -7.10 12.19
CA GLU B 284 23.58 -8.56 12.37
C GLU B 284 22.18 -8.99 12.72
N LEU B 285 21.53 -8.30 13.65
CA LEU B 285 20.23 -8.78 14.11
C LEU B 285 19.12 -8.41 13.06
N VAL B 286 19.37 -7.36 12.27
CA VAL B 286 18.47 -6.95 11.20
C VAL B 286 18.58 -8.03 10.17
N LEU B 287 19.78 -8.45 9.81
CA LEU B 287 19.89 -9.57 8.87
C LEU B 287 19.27 -10.86 9.37
N GLU B 288 19.40 -11.14 10.67
CA GLU B 288 18.79 -12.34 11.21
C GLU B 288 17.26 -12.30 11.09
N PHE B 289 16.68 -11.11 11.26
CA PHE B 289 15.22 -10.92 11.12
C PHE B 289 14.82 -10.88 9.66
N ALA B 290 15.57 -10.18 8.83
CA ALA B 290 15.01 -9.70 7.56
C ALA B 290 15.73 -10.10 6.27
N ARG B 291 16.71 -10.99 6.37
N ARG B 291 16.70 -10.99 6.38
CA ARG B 291 17.39 -11.48 5.18
CA ARG B 291 17.40 -11.53 5.21
C ARG B 291 16.42 -12.00 4.08
C ARG B 291 16.44 -12.03 4.09
N GLU B 292 15.35 -12.67 4.48
CA GLU B 292 14.40 -13.25 3.51
C GLU B 292 13.61 -12.14 2.75
N TYR B 293 13.47 -10.93 3.35
CA TYR B 293 12.76 -9.79 2.77
C TYR B 293 13.60 -8.87 1.94
N LEU B 294 14.94 -8.95 2.09
CA LEU B 294 15.84 -8.09 1.30
C LEU B 294 16.06 -8.65 -0.10
N PRO B 295 16.39 -7.80 -1.09
CA PRO B 295 16.68 -8.36 -2.40
C PRO B 295 17.80 -9.41 -2.36
N GLU B 296 17.68 -10.39 -3.25
CA GLU B 296 18.59 -11.54 -3.28
C GLU B 296 20.12 -11.18 -3.21
N ASN B 297 20.53 -10.32 -4.11
CA ASN B 297 21.92 -9.97 -4.20
C ASN B 297 22.08 -8.55 -3.68
N TYR B 298 21.41 -8.20 -2.59
CA TYR B 298 21.47 -6.81 -2.06
C TYR B 298 22.92 -6.41 -1.76
N LYS B 299 23.73 -7.39 -1.37
CA LYS B 299 25.10 -7.10 -0.98
C LYS B 299 26.01 -6.63 -2.12
N ASP B 300 25.63 -6.89 -3.36
CA ASP B 300 26.38 -6.27 -4.49
C ASP B 300 26.32 -4.74 -4.54
N ASP B 301 25.26 -4.14 -4.00
CA ASP B 301 25.11 -2.69 -4.01
C ASP B 301 25.89 -2.02 -2.90
N MET B 302 26.40 -2.80 -1.96
CA MET B 302 27.03 -2.19 -0.76
C MET B 302 28.32 -1.43 -1.08
N SER B 303 29.05 -1.83 -2.08
CA SER B 303 30.23 -1.06 -2.52
C SER B 303 29.87 0.38 -2.97
N GLU B 304 28.70 0.57 -3.58
CA GLU B 304 28.21 1.91 -3.95
C GLU B 304 27.54 2.62 -2.75
N ILE B 305 26.96 1.88 -1.83
CA ILE B 305 26.29 2.54 -0.69
C ILE B 305 27.33 3.23 0.24
N GLN B 306 28.59 2.78 0.21
CA GLN B 306 29.63 3.35 1.09
C GLN B 306 30.21 4.74 0.79
N GLU B 307 29.66 5.45 -0.16
CA GLU B 307 30.02 6.83 -0.47
C GLU B 307 30.12 7.74 0.79
N LYS B 308 31.23 8.46 0.95
CA LYS B 308 31.51 9.17 2.19
C LYS B 308 30.54 10.32 2.37
N ILE B 309 30.08 10.49 3.62
CA ILE B 309 29.22 11.58 4.06
C ILE B 309 29.95 12.54 5.02
N ASP B 310 29.51 13.76 5.10
CA ASP B 310 30.15 14.78 5.89
C ASP B 310 29.53 14.81 7.29
N PHE B 311 28.24 14.48 7.44
CA PHE B 311 27.64 14.47 8.77
C PHE B 311 26.47 13.54 8.88
N VAL B 312 26.19 13.15 10.10
CA VAL B 312 24.98 12.43 10.45
C VAL B 312 24.04 13.35 11.19
N GLY B 313 22.76 13.33 10.82
CA GLY B 313 21.72 14.06 11.51
C GLY B 313 20.92 13.10 12.37
N LEU B 314 20.82 13.36 13.68
CA LEU B 314 19.93 12.59 14.58
C LEU B 314 18.74 13.44 14.96
N ASN B 315 17.58 12.81 14.84
CA ASN B 315 16.32 13.30 15.36
C ASN B 315 16.07 12.52 16.62
N TYR B 316 15.54 13.16 17.64
CA TYR B 316 15.27 12.45 18.89
C TYR B 316 14.10 13.14 19.61
N TYR B 317 13.19 12.31 20.10
CA TYR B 317 12.02 12.73 20.77
C TYR B 317 11.72 11.93 22.05
N SER B 318 12.02 10.65 22.11
CA SER B 318 11.31 9.82 23.05
C SER B 318 11.96 8.51 23.36
N GLY B 319 11.57 7.94 24.51
CA GLY B 319 12.18 6.73 25.06
C GLY B 319 11.12 5.70 25.27
N HIS B 320 11.51 4.45 25.35
CA HIS B 320 10.59 3.35 25.29
C HIS B 320 11.19 2.21 26.04
N LEU B 321 10.34 1.55 26.83
CA LEU B 321 10.70 0.36 27.57
C LEU B 321 10.27 -0.81 26.73
N VAL B 322 11.09 -1.86 26.64
CA VAL B 322 10.94 -2.90 25.64
C VAL B 322 11.18 -4.26 26.27
N LYS B 323 10.49 -5.30 25.78
CA LYS B 323 10.67 -6.66 26.31
C LYS B 323 10.67 -7.70 25.18
N PHE B 324 11.40 -8.80 25.39
CA PHE B 324 11.30 -9.97 24.52
C PHE B 324 9.94 -10.65 24.66
N ASP B 325 9.35 -11.00 23.53
CA ASP B 325 7.97 -11.46 23.53
C ASP B 325 7.83 -12.35 22.33
N PRO B 326 7.74 -13.67 22.57
CA PRO B 326 7.79 -14.63 21.48
C PRO B 326 6.55 -14.66 20.57
N ASP B 327 5.50 -13.93 20.93
CA ASP B 327 4.31 -13.81 20.08
C ASP B 327 4.38 -12.65 19.11
N ALA B 328 5.08 -11.57 19.49
CA ALA B 328 5.10 -10.32 18.70
C ALA B 328 5.88 -10.49 17.40
N PRO B 329 5.45 -9.79 16.32
CA PRO B 329 6.33 -9.77 15.16
C PRO B 329 7.64 -9.09 15.60
N ALA B 330 8.74 -9.71 15.19
CA ALA B 330 10.13 -9.37 15.61
C ALA B 330 10.53 -9.98 16.95
N LYS B 331 9.64 -10.74 17.55
CA LYS B 331 9.79 -11.27 18.91
C LYS B 331 10.15 -10.16 19.95
N VAL B 332 9.58 -8.95 19.76
CA VAL B 332 9.78 -7.82 20.67
C VAL B 332 8.49 -7.06 20.85
N SER B 333 8.28 -6.49 22.04
CA SER B 333 7.12 -5.60 22.32
C SER B 333 7.45 -4.44 23.25
N PHE B 334 6.68 -3.36 23.10
CA PHE B 334 6.81 -2.17 23.95
C PHE B 334 6.09 -2.42 25.28
N VAL B 335 6.39 -1.58 26.28
CA VAL B 335 5.80 -1.67 27.63
C VAL B 335 5.54 -0.27 28.18
N GLU B 336 4.27 0.08 28.45
CA GLU B 336 3.93 1.43 28.95
C GLU B 336 4.63 1.66 30.29
N ARG B 337 5.11 2.88 30.50
CA ARG B 337 5.73 3.28 31.77
C ARG B 337 4.90 4.43 32.34
N ASP B 338 4.92 4.55 33.66
CA ASP B 338 4.25 5.66 34.30
C ASP B 338 5.19 6.85 34.39
N LEU B 339 5.78 7.25 33.25
CA LEU B 339 6.69 8.39 33.17
C LEU B 339 5.89 9.52 32.59
N PRO B 340 6.41 10.76 32.66
CA PRO B 340 5.70 11.86 31.99
C PRO B 340 5.59 11.66 30.47
N LYS B 341 4.56 12.23 29.86
CA LYS B 341 4.28 12.05 28.44
C LYS B 341 3.88 13.36 27.80
N THR B 342 4.25 13.56 26.53
CA THR B 342 3.76 14.70 25.74
C THR B 342 2.35 14.38 25.28
N ALA B 343 1.73 15.33 24.55
CA ALA B 343 0.42 15.13 23.87
C ALA B 343 0.36 13.92 22.87
N MET B 344 1.50 13.47 22.38
CA MET B 344 1.56 12.30 21.50
C MET B 344 1.48 11.00 22.25
N GLY B 345 1.63 11.02 23.57
CA GLY B 345 1.74 9.77 24.35
C GLY B 345 3.19 9.34 24.52
N TRP B 346 4.13 10.18 24.08
CA TRP B 346 5.52 9.76 24.04
C TRP B 346 6.21 10.14 25.34
N GLU B 347 6.94 9.19 25.89
CA GLU B 347 7.61 9.35 27.18
C GLU B 347 8.80 10.31 27.09
N ILE B 348 8.91 11.20 28.07
CA ILE B 348 9.89 12.31 28.09
C ILE B 348 11.14 11.87 28.86
N VAL B 349 12.16 11.44 28.13
CA VAL B 349 13.38 10.86 28.71
C VAL B 349 14.57 11.60 28.12
N PRO B 350 14.93 12.77 28.69
CA PRO B 350 16.00 13.55 28.09
C PRO B 350 17.35 12.88 28.00
N GLU B 351 17.59 11.89 28.84
CA GLU B 351 18.85 11.19 28.87
C GLU B 351 19.01 10.37 27.57
N GLY B 352 17.91 10.05 26.89
CA GLY B 352 18.00 9.40 25.60
C GLY B 352 18.81 10.14 24.56
N ILE B 353 18.72 11.48 24.53
CA ILE B 353 19.48 12.27 23.58
C ILE B 353 20.98 12.28 23.89
N TYR B 354 21.33 12.03 25.15
CA TYR B 354 22.74 11.95 25.53
C TYR B 354 23.21 10.58 25.09
N TRP B 355 22.45 9.56 25.44
CA TRP B 355 22.79 8.19 25.07
C TRP B 355 23.04 8.06 23.52
N ILE B 356 22.10 8.53 22.70
CA ILE B 356 22.19 8.29 21.24
C ILE B 356 23.40 8.99 20.61
N LEU B 357 23.69 10.18 21.12
CA LEU B 357 24.89 10.94 20.73
C LEU B 357 26.19 10.25 21.09
N LYS B 358 26.33 9.83 22.35
CA LYS B 358 27.47 9.00 22.73
C LYS B 358 27.55 7.72 21.86
N LYS B 359 26.42 7.01 21.78
CA LYS B 359 26.37 5.73 21.05
C LYS B 359 26.83 5.86 19.57
N VAL B 360 26.43 6.91 18.86
CA VAL B 360 26.80 7.01 17.43
C VAL B 360 28.28 7.21 17.29
N LYS B 361 28.82 7.93 18.26
CA LYS B 361 30.27 8.16 18.29
C LYS B 361 30.99 6.87 18.53
N GLU B 362 30.58 6.07 19.52
CA GLU B 362 31.24 4.79 19.77
C GLU B 362 31.15 3.84 18.57
N GLU B 363 29.95 3.75 17.98
CA GLU B 363 29.71 2.78 16.94
C GLU B 363 30.30 3.15 15.58
N TYR B 364 30.11 4.38 15.12
CA TYR B 364 30.52 4.78 13.75
C TYR B 364 31.46 6.03 13.71
N ASN B 365 31.64 6.72 14.84
CA ASN B 365 32.51 7.93 14.90
C ASN B 365 32.44 8.85 13.66
N PRO B 366 31.24 9.35 13.35
CA PRO B 366 31.16 10.29 12.23
C PRO B 366 31.91 11.61 12.50
N PRO B 367 32.40 12.28 11.43
CA PRO B 367 33.21 13.48 11.66
C PRO B 367 32.41 14.62 12.27
N GLU B 368 31.15 14.77 11.90
CA GLU B 368 30.25 15.74 12.47
C GLU B 368 28.87 15.13 12.70
N VAL B 369 28.21 15.56 13.78
CA VAL B 369 26.83 15.24 14.10
C VAL B 369 25.99 16.52 14.26
N TYR B 370 24.71 16.45 13.91
CA TYR B 370 23.72 17.48 14.27
C TYR B 370 22.48 16.87 14.85
N ILE B 371 21.82 17.55 15.79
CA ILE B 371 20.46 17.20 16.21
C ILE B 371 19.57 17.93 15.24
N THR B 372 19.02 17.21 14.24
CA THR B 372 18.23 17.80 13.15
C THR B 372 16.75 18.01 13.57
N GLU B 373 16.34 17.34 14.64
CA GLU B 373 15.02 17.56 15.17
C GLU B 373 14.98 17.18 16.61
N ASN B 374 14.38 18.05 17.42
CA ASN B 374 13.93 17.68 18.77
C ASN B 374 12.82 18.67 19.18
N GLY B 375 11.79 18.20 19.87
CA GLY B 375 10.67 19.04 20.14
C GLY B 375 9.60 18.26 20.81
N ALA B 376 8.47 18.93 21.02
CA ALA B 376 7.34 18.22 21.60
C ALA B 376 6.03 18.92 21.36
N ALA B 377 5.00 18.13 21.55
CA ALA B 377 3.61 18.53 21.40
C ALA B 377 2.88 18.51 22.77
N PHE B 378 2.17 19.60 23.01
CA PHE B 378 1.32 19.84 24.18
C PHE B 378 0.09 20.60 23.68
N ASP B 379 -0.99 20.52 24.46
CA ASP B 379 -2.26 21.19 24.10
C ASP B 379 -2.18 22.71 24.35
N ASP B 380 -1.39 23.43 23.53
CA ASP B 380 -1.24 24.91 23.61
C ASP B 380 -2.60 25.66 23.58
N VAL B 381 -2.62 26.92 24.01
CA VAL B 381 -3.88 27.68 24.13
C VAL B 381 -3.56 29.17 24.18
N VAL B 382 -4.35 30.00 23.52
CA SER B 383 -3.86 32.52 27.72
C SER B 383 -4.63 33.73 27.18
N GLU B 384 -5.64 34.20 27.96
CA GLU B 384 -6.45 35.41 27.64
C GLU B 384 -5.58 36.64 27.38
N ASP B 385 -4.36 36.67 27.94
CA ASP B 385 -3.39 37.73 27.61
C ASP B 385 -2.78 37.78 26.17
N GLY B 386 -3.19 36.86 25.27
N GLY B 386 -3.17 36.86 25.27
CA GLY B 386 -2.74 36.91 23.87
CA GLY B 386 -2.75 36.92 23.84
C GLY B 386 -1.40 36.21 23.70
C GLY B 386 -1.42 36.23 23.60
N ARG B 387 -1.14 35.28 24.61
N ARG B 387 -1.06 35.38 24.56
CA ARG B 387 0.11 34.57 24.60
CA ARG B 387 0.21 34.66 24.59
C ARG B 387 -0.13 33.08 24.67
C ARG B 387 -0.09 33.15 24.67
N VAL B 388 0.90 32.33 24.26
CA VAL B 388 0.86 30.89 24.40
C VAL B 388 1.88 30.62 25.48
N HIS B 389 1.42 30.34 26.69
CA HIS B 389 2.33 30.10 27.85
C HIS B 389 2.69 28.62 28.01
N ASP B 390 3.70 28.19 27.24
CA ASP B 390 4.10 26.77 27.18
C ASP B 390 5.30 26.46 28.06
N GLN B 391 5.10 26.51 29.37
CA GLN B 391 6.19 26.16 30.27
C GLN B 391 6.60 24.70 30.06
N ASN B 392 5.63 23.85 29.73
CA ASN B 392 5.88 22.40 29.47
C ASN B 392 6.84 22.13 28.28
N ARG B 393 6.71 22.93 27.21
CA ARG B 393 7.63 22.84 26.07
C ARG B 393 9.03 23.34 26.41
N ILE B 394 9.09 24.43 27.16
CA ILE B 394 10.36 24.98 27.68
C ILE B 394 11.12 23.91 28.51
N ASP B 395 10.41 23.28 29.44
CA ASP B 395 10.93 22.19 30.27
C ASP B 395 11.41 20.96 29.46
N TYR B 396 10.69 20.71 28.37
CA TYR B 396 11.05 19.62 27.49
C TYR B 396 12.37 20.01 26.88
N LEU B 397 12.38 21.13 26.20
CA LEU B 397 13.56 21.52 25.45
C LEU B 397 14.78 21.72 26.31
N LYS B 398 14.58 22.47 27.42
CA LYS B 398 15.65 22.87 28.38
C LYS B 398 16.48 21.69 28.69
N ALA B 399 15.78 20.62 29.03
CA ALA B 399 16.37 19.38 29.50
C ALA B 399 17.13 18.66 28.41
N HIS B 400 16.55 18.64 27.20
CA HIS B 400 17.12 17.92 26.08
C HIS B 400 18.39 18.62 25.67
N ILE B 401 18.34 19.95 25.59
CA ILE B 401 19.50 20.78 25.25
C ILE B 401 20.71 20.62 26.21
N GLY B 402 20.44 20.36 27.49
CA GLY B 402 21.48 20.13 28.49
C GLY B 402 22.09 18.74 28.44
N GLN B 403 21.24 17.76 28.08
CA GLN B 403 21.75 16.42 27.84
C GLN B 403 22.60 16.42 26.57
N ALA B 404 22.27 17.29 25.62
CA ALA B 404 23.09 17.50 24.43
C ALA B 404 24.41 18.20 24.77
N TRP B 405 24.34 19.23 25.60
CA TRP B 405 25.55 19.86 26.18
C TRP B 405 26.51 18.84 26.78
N LYS B 406 25.94 17.95 27.58
CA LYS B 406 26.69 16.90 28.25
C LYS B 406 27.45 16.00 27.30
N ALA B 407 26.82 15.68 26.16
CA ALA B 407 27.45 14.83 25.16
C ALA B 407 28.69 15.49 24.56
N ILE B 408 28.56 16.78 24.26
CA ILE B 408 29.70 17.57 23.75
C ILE B 408 30.87 17.52 24.74
N GLN B 409 30.55 17.66 26.04
CA GLN B 409 31.59 17.74 27.08
C GLN B 409 32.33 16.42 27.13
N GLU B 410 31.68 15.31 26.80
CA GLU B 410 32.39 14.03 26.71
C GLU B 410 32.92 13.68 25.32
N GLY B 411 33.15 14.67 24.46
CA GLY B 411 33.79 14.42 23.15
C GLY B 411 32.95 14.21 21.90
N VAL B 412 31.62 14.24 21.99
CA VAL B 412 30.81 14.05 20.77
C VAL B 412 30.89 15.33 19.97
N PRO B 413 31.20 15.27 18.65
CA PRO B 413 31.38 16.43 17.82
C PRO B 413 30.07 17.00 17.25
N LEU B 414 29.20 17.38 18.17
CA LEU B 414 27.88 17.87 17.88
C LEU B 414 27.98 19.33 17.55
N LYS B 415 27.61 19.68 16.32
CA LYS B 415 27.81 21.01 15.76
C LYS B 415 26.54 21.88 15.67
N GLY B 416 25.39 21.37 16.09
CA GLY B 416 24.17 22.11 15.87
C GLY B 416 22.99 21.41 16.46
N TYR B 417 21.95 22.19 16.65
CA TYR B 417 20.73 21.71 17.23
C TYR B 417 19.58 22.46 16.53
N PHE B 418 18.58 21.71 16.05
CA PHE B 418 17.39 22.28 15.39
C PHE B 418 16.17 21.78 16.14
N VAL B 419 15.34 22.76 16.57
CA VAL B 419 14.06 22.52 17.25
C VAL B 419 13.01 22.15 16.20
N TRP B 420 12.24 21.10 16.45
CA TRP B 420 11.05 20.79 15.67
C TRP B 420 9.86 21.35 16.46
N SER B 421 9.13 22.34 15.97
CA SER B 421 9.23 23.00 14.70
C SER B 421 9.06 24.52 14.94
N LEU B 422 9.44 25.32 13.92
CA LEU B 422 9.15 26.72 13.89
C LEU B 422 7.66 26.96 14.05
N LEU B 423 6.84 26.16 13.35
CA LEU B 423 5.38 26.33 13.32
C LEU B 423 4.67 25.08 13.74
N ASP B 424 3.51 25.26 14.37
CA ASP B 424 2.46 24.24 14.41
C ASP B 424 2.13 23.91 12.95
N ASN B 425 1.85 22.65 12.68
CA ASN B 425 1.73 22.28 11.23
C ASN B 425 0.92 21.00 11.02
N PHE B 426 0.81 20.58 9.76
CA PHE B 426 0.19 19.31 9.42
C PHE B 426 1.09 18.16 9.95
N GLU B 427 0.69 17.54 11.05
CA GLU B 427 1.45 16.43 11.62
C GLU B 427 1.07 15.03 11.02
N TRP B 428 1.20 14.91 9.70
CA TRP B 428 1.00 13.62 9.02
C TRP B 428 -0.36 12.89 9.38
N ALA B 429 -0.35 11.61 9.76
CA ALA B 429 -1.62 10.94 10.06
C ALA B 429 -2.42 11.63 11.18
N GLU B 430 -1.76 12.45 11.99
CA GLU B 430 -2.43 13.18 13.13
C GLU B 430 -3.11 14.47 12.73
N GLY B 431 -2.82 14.96 11.54
CA GLY B 431 -3.45 16.13 11.02
C GLY B 431 -2.98 17.32 11.82
N TYR B 432 -3.86 18.31 11.94
CA TYR B 432 -3.58 19.51 12.71
C TYR B 432 -3.79 19.33 14.23
N SER B 433 -4.19 18.15 14.67
CA SER B 433 -4.45 17.89 16.08
C SER B 433 -3.24 18.00 17.03
N LYS B 434 -2.03 18.15 16.47
CA LYS B 434 -0.79 18.16 17.28
C LYS B 434 0.10 19.31 16.90
N ARG B 435 0.51 20.02 17.94
CA ARG B 435 1.14 21.31 17.80
C ARG B 435 2.55 21.17 18.37
N PHE B 436 3.56 21.19 17.50
CA PHE B 436 4.99 21.05 17.90
C PHE B 436 5.71 22.37 17.85
N GLY B 437 5.02 23.39 17.37
CA GLY B 437 5.59 24.70 17.06
C GLY B 437 6.11 25.43 18.30
N ILE B 438 7.08 26.32 18.07
CA ILE B 438 7.44 27.40 19.01
C ILE B 438 6.76 28.71 18.63
N VAL B 439 6.27 28.78 17.39
CA VAL B 439 5.21 29.70 17.00
C VAL B 439 3.84 28.99 16.94
N TYR B 440 2.81 29.70 17.38
CA TYR B 440 1.44 29.25 17.28
C TYR B 440 0.82 29.64 15.93
N VAL B 441 -0.03 28.76 15.42
CA VAL B 441 -0.74 29.04 14.17
C VAL B 441 -2.21 28.81 14.50
N ASP B 442 -2.95 29.90 14.33
CA ASP B 442 -4.38 29.87 14.40
C ASP B 442 -4.78 29.67 12.95
N TYR B 443 -5.31 28.48 12.70
CA TYR B 443 -5.64 28.02 11.35
C TYR B 443 -6.79 28.77 10.65
N SER B 444 -7.81 29.14 11.42
CA SER B 444 -8.94 29.92 10.91
C SER B 444 -8.53 31.28 10.35
N THR B 445 -7.51 31.89 10.96
CA THR B 445 -7.01 33.22 10.60
C THR B 445 -5.69 33.22 9.81
N GLN B 446 -4.81 32.22 10.08
CA GLN B 446 -3.37 32.20 9.70
C GLN B 446 -2.41 33.16 10.44
N LYS B 447 -2.82 33.61 11.63
CA LYS B 447 -2.00 34.48 12.48
C LYS B 447 -0.99 33.64 13.30
N ARG B 448 0.24 34.14 13.30
CA ARG B 448 1.33 33.60 14.10
C ARG B 448 1.33 34.27 15.48
N ILE B 449 1.37 33.48 16.55
CA ILE B 449 1.54 33.99 17.90
C ILE B 449 2.75 33.31 18.50
N VAL B 450 3.88 34.01 18.55
CA VAL B 450 5.11 33.43 19.15
C VAL B 450 4.81 32.86 20.54
N LYS B 451 5.18 31.61 20.78
CA LYS B 451 4.95 31.01 22.10
C LYS B 451 6.08 31.49 23.03
N ASP B 452 5.93 31.17 24.32
CA ASP B 452 6.95 31.55 25.31
C ASP B 452 8.24 30.80 25.02
N SER B 453 8.11 29.52 24.64
CA SER B 453 9.24 28.70 24.17
C SER B 453 10.06 29.37 23.05
N GLY B 454 9.37 30.05 22.15
CA GLY B 454 9.99 30.84 21.12
C GLY B 454 10.85 32.00 21.61
N TYR B 455 10.35 32.78 22.58
CA TYR B 455 11.18 33.81 23.24
C TYR B 455 12.33 33.19 24.05
N TRP B 456 12.02 32.14 24.82
CA TRP B 456 12.99 31.36 25.61
C TRP B 456 14.15 30.83 24.79
N TYR B 457 13.80 30.25 23.64
CA TYR B 457 14.79 29.67 22.76
C TYR B 457 15.59 30.79 22.17
N SER B 458 14.91 31.86 21.77
CA SER B 458 15.60 33.07 21.27
C SER B 458 16.75 33.55 22.18
N ASN B 459 16.55 33.41 23.50
CA ASN B 459 17.55 33.76 24.52
C ASN B 459 18.70 32.76 24.54
N VAL B 460 18.38 31.45 24.53
CA VAL B 460 19.39 30.37 24.45
C VAL B 460 20.39 30.62 23.33
N VAL B 461 19.85 30.94 22.16
CA VAL B 461 20.64 31.34 21.01
C VAL B 461 21.52 32.52 21.36
N LYS B 462 20.92 33.61 21.89
CA LYS B 462 21.67 34.82 22.32
C LYS B 462 22.82 34.42 23.28
N ASN B 463 22.49 33.64 24.30
CA ASN B 463 23.46 33.03 25.25
C ASN B 463 24.49 31.99 24.68
N ASN B 464 24.23 31.44 23.49
CA ASN B 464 24.87 30.19 23.05
C ASN B 464 24.79 29.14 24.14
N GLY B 465 23.64 29.02 24.79
CA GLY B 465 23.54 28.09 25.90
C GLY B 465 22.42 28.38 26.87
N LEU B 466 22.37 27.59 27.94
CA LEU B 466 21.35 27.69 28.97
C LEU B 466 21.93 28.59 30.05
N GLU B 467 21.30 29.74 30.28
CA GLU B 467 21.66 30.65 31.38
C GLU B 467 23.11 31.10 31.35
#